data_6PR5
#
_entry.id   6PR5
#
_cell.length_a   1.00
_cell.length_b   1.00
_cell.length_c   1.00
_cell.angle_alpha   90.00
_cell.angle_beta   90.00
_cell.angle_gamma   90.00
#
_symmetry.space_group_name_H-M   'P 1'
#
loop_
_entity.id
_entity.type
_entity.pdbx_description
1 polymer 'DNA-mediated transposase'
2 polymer "DNA (5'-D(*GP*AP*TP*CP*TP*GP*GP*CP*CP*TP*AP*GP*AP*TP*CP*TP*CP*A)-3')"
3 polymer "DNA (5'-D(P*CP*AP*CP*GP*GP*TP*GP*GP*AP*TP*CP*GP*AP*AP*AP*A)-3')"
4 polymer 'DNA (30-MER)'
5 polymer "DNA (5'-D(P*TP*TP*TP*TP*CP*GP*AP*TP*C)-3')"
6 polymer 'DNA (39-MER)'
7 non-polymer 'MAGNESIUM ION'
8 non-polymer 'ZINC ION'
#
loop_
_entity_poly.entity_id
_entity_poly.type
_entity_poly.pdbx_seq_one_letter_code
_entity_poly.pdbx_strand_id
1 'polypeptide(L)'
;KPAPSTIFSPEKALGLLLSLKLSKWQYITLRETTIREGSKEIYPSYYKVQKAKLQCYPPKAFVAVTDSSAKIALQALLDL
TVNRIFETIRSPDAIQNKQLILISKWGFDGASNQSRYKQNIESGQGDSSIFMTSLVPLKLTADGDTVWVNPKPCSPMYCR
PVQFSFVKETKDVVINEKTAMDDEIEALVPSKCQGHEISHKLMMTMIDGKICTYLSEAKSNAACYLCLAKPTEMSKLDVI
ASKTISSGVYEFGLSTLHARINVMECLLHIAYRLDFKKWSARGEGHQELLHSRKKLIQDRFKDDLNLLIDIVKQGSGTTN
DGNTARRFFEFPDKTAAITGLDEDLIRRFSVILQAITSGEIIDVPKFKEYARTTAEKYVELYDWYYMSSTVHKLLIHGGD
IIAENAIVPIGSLSEEASEARNKDFRRFREHHSRKKSRQASNEDILNMLIISSDPLISFTRPKLDAHKRQTYFKETVELL
QLQDQEAPTEFHHHHHH
;
A,E
2 'polydeoxyribonucleotide' (DG)(DA)(DT)(DC)(DT)(DG)(DG)(DC)(DC)(DT)(DA)(DG)(DA)(DT)(DC)(DT)(DC)(DA) B
3 'polydeoxyribonucleotide' (DC)(DA)(DC)(DG)(DG)(DT)(DG)(DG)(DA)(DT)(DC)(DG)(DA)(DA)(DA)(DA) C,G
4 'polydeoxyribonucleotide'
;(DT)(DT)(DT)(DT)(DC)(DG)(DA)(DT)(DC)(DC)(DA)(DC)(DC)(DG)(DT)(DG)(DC)(DG)(DG)(DT)
(DG)(DG)(DA)(DT)(DC)(DG)(DA)(DA)(DA)(DA)
;
D
5 'polydeoxyribonucleotide' (DT)(DT)(DT)(DT)(DC)(DG)(DA)(DT)(DC) F
6 'polydeoxyribonucleotide'
;(DT)(DT)(DT)(DT)(DC)(DG)(DA)(DT)(DC)(DC)(DA)(DC)(DC)(DG)(DT)(DG)(DC)(DA)(DC)(DC)
(DG)(DT)(DG)(DA)(DG)(DA)(DT)(DC)(DT)(DA)(DG)(DG)(DC)(DC)(DA)(DG)(DA)(DT)(DC)
;
H
#
loop_
_chem_comp.id
_chem_comp.type
_chem_comp.name
_chem_comp.formula
DA DNA linking 2'-DEOXYADENOSINE-5'-MONOPHOSPHATE 'C10 H14 N5 O6 P'
DC DNA linking 2'-DEOXYCYTIDINE-5'-MONOPHOSPHATE 'C9 H14 N3 O7 P'
DG DNA linking 2'-DEOXYGUANOSINE-5'-MONOPHOSPHATE 'C10 H14 N5 O7 P'
DT DNA linking THYMIDINE-5'-MONOPHOSPHATE 'C10 H15 N2 O8 P'
MG non-polymer 'MAGNESIUM ION' 'Mg 2'
ZN non-polymer 'ZINC ION' 'Zn 2'
#
# COMPACT_ATOMS: atom_id res chain seq x y z
N SER A 5 -32.45 -13.13 20.06
CA SER A 5 -32.34 -11.95 20.91
C SER A 5 -30.88 -11.52 21.01
N THR A 6 -30.62 -10.26 20.70
CA THR A 6 -29.27 -9.71 20.77
C THR A 6 -29.36 -8.21 21.00
N ILE A 7 -28.21 -7.56 20.98
CA ILE A 7 -28.13 -6.11 21.14
C ILE A 7 -27.89 -5.40 19.82
N PHE A 8 -27.01 -5.95 18.98
CA PHE A 8 -26.73 -5.38 17.66
C PHE A 8 -27.45 -6.21 16.61
N SER A 9 -28.31 -5.56 15.83
CA SER A 9 -28.93 -6.24 14.71
C SER A 9 -27.85 -6.72 13.75
N PRO A 10 -27.96 -7.94 13.23
CA PRO A 10 -26.92 -8.45 12.32
C PRO A 10 -26.57 -7.49 11.19
N GLU A 11 -27.54 -6.76 10.66
CA GLU A 11 -27.21 -5.77 9.62
C GLU A 11 -26.41 -4.62 10.19
N LYS A 12 -26.71 -4.22 11.42
CA LYS A 12 -25.91 -3.16 12.03
C LYS A 12 -24.54 -3.66 12.44
N ALA A 13 -24.43 -4.93 12.81
CA ALA A 13 -23.11 -5.51 13.00
C ALA A 13 -22.33 -5.52 11.70
N LEU A 14 -22.99 -5.81 10.58
CA LEU A 14 -22.32 -5.77 9.30
C LEU A 14 -21.86 -4.37 8.97
N GLY A 15 -22.67 -3.38 9.30
CA GLY A 15 -22.23 -2.00 9.14
C GLY A 15 -21.02 -1.68 9.99
N LEU A 16 -21.00 -2.17 11.23
CA LEU A 16 -19.86 -1.94 12.11
C LEU A 16 -18.62 -2.66 11.61
N LEU A 17 -18.81 -3.75 10.88
CA LEU A 17 -17.69 -4.47 10.29
C LEU A 17 -17.14 -3.72 9.08
N LEU A 18 -18.02 -3.16 8.26
CA LEU A 18 -17.57 -2.44 7.08
C LEU A 18 -16.95 -1.10 7.43
N SER A 19 -17.45 -0.44 8.48
CA SER A 19 -16.98 0.90 8.80
C SER A 19 -15.64 0.87 9.52
N LEU A 20 -15.50 -0.01 10.50
CA LEU A 20 -14.26 -0.17 11.23
C LEU A 20 -13.18 -0.84 10.41
N LYS A 21 -13.52 -1.34 9.23
CA LYS A 21 -12.62 -2.12 8.37
C LYS A 21 -12.09 -3.33 9.10
N LEU A 22 -13.01 -4.14 9.62
CA LEU A 22 -12.65 -5.34 10.36
C LEU A 22 -12.65 -6.56 9.46
N SER A 23 -11.80 -7.51 9.79
CA SER A 23 -11.73 -8.79 9.12
C SER A 23 -12.45 -9.85 9.95
N LYS A 24 -12.56 -11.05 9.39
CA LYS A 24 -13.26 -12.12 10.09
C LYS A 24 -12.60 -12.43 11.42
N TRP A 25 -11.27 -12.55 11.42
CA TRP A 25 -10.61 -12.82 12.69
C TRP A 25 -10.79 -11.66 13.65
N GLN A 26 -10.73 -10.44 13.15
CA GLN A 26 -10.83 -9.29 14.04
C GLN A 26 -12.22 -9.18 14.61
N TYR A 27 -13.24 -9.50 13.82
CA TYR A 27 -14.60 -9.50 14.36
C TYR A 27 -14.78 -10.59 15.39
N ILE A 28 -14.27 -11.79 15.12
CA ILE A 28 -14.43 -12.88 16.07
C ILE A 28 -13.68 -12.56 17.36
N THR A 29 -12.53 -11.91 17.25
CA THR A 29 -11.81 -11.48 18.44
C THR A 29 -12.61 -10.47 19.23
N LEU A 30 -13.17 -9.46 18.54
CA LEU A 30 -14.03 -8.50 19.21
C LEU A 30 -15.12 -9.21 19.99
N ARG A 31 -15.81 -10.14 19.33
CA ARG A 31 -16.93 -10.83 19.95
C ARG A 31 -16.48 -11.64 21.16
N GLU A 32 -15.48 -12.51 20.98
CA GLU A 32 -15.09 -13.40 22.06
C GLU A 32 -14.48 -12.64 23.23
N THR A 33 -13.71 -11.60 22.96
CA THR A 33 -13.14 -10.82 24.04
C THR A 33 -14.23 -10.07 24.80
N THR A 34 -15.25 -9.58 24.12
CA THR A 34 -16.35 -8.97 24.83
C THR A 34 -17.11 -10.00 25.66
N ILE A 35 -17.17 -11.24 25.17
CA ILE A 35 -17.82 -12.31 25.93
C ILE A 35 -17.05 -12.60 27.21
N ARG A 36 -15.72 -12.72 27.10
CA ARG A 36 -14.90 -13.13 28.24
C ARG A 36 -15.03 -12.19 29.42
N GLU A 37 -15.43 -10.94 29.18
CA GLU A 37 -15.45 -9.94 30.22
C GLU A 37 -16.78 -9.87 30.96
N GLY A 38 -17.72 -10.74 30.67
CA GLY A 38 -18.94 -10.83 31.41
C GLY A 38 -20.17 -10.24 30.75
N SER A 39 -20.09 -9.82 29.50
CA SER A 39 -21.22 -9.31 28.74
C SER A 39 -21.64 -10.41 27.78
N LYS A 40 -22.68 -11.17 28.16
CA LYS A 40 -22.99 -12.39 27.42
C LYS A 40 -23.41 -12.10 25.99
N GLU A 41 -24.06 -10.96 25.75
CA GLU A 41 -24.51 -10.60 24.41
C GLU A 41 -24.18 -9.15 24.14
N ILE A 42 -23.16 -8.90 23.32
CA ILE A 42 -23.01 -7.57 22.72
C ILE A 42 -22.91 -7.61 21.21
N TYR A 43 -22.51 -8.73 20.64
CA TYR A 43 -22.41 -8.81 19.18
C TYR A 43 -23.00 -10.10 18.66
N PRO A 44 -23.56 -10.08 17.44
CA PRO A 44 -24.05 -11.32 16.87
C PRO A 44 -22.89 -12.20 16.48
N SER A 45 -23.14 -13.51 16.49
CA SER A 45 -22.13 -14.46 16.05
C SER A 45 -21.73 -14.15 14.62
N TYR A 46 -20.45 -14.33 14.32
CA TYR A 46 -20.01 -14.08 12.95
C TYR A 46 -20.82 -14.87 11.95
N TYR A 47 -21.41 -15.98 12.36
CA TYR A 47 -22.31 -16.70 11.47
C TYR A 47 -23.48 -15.82 11.07
N LYS A 48 -23.99 -15.02 12.00
CA LYS A 48 -25.10 -14.13 11.68
C LYS A 48 -24.68 -13.08 10.66
N VAL A 49 -23.47 -12.56 10.77
CA VAL A 49 -23.00 -11.55 9.82
C VAL A 49 -22.75 -12.18 8.46
N GLN A 50 -22.17 -13.38 8.44
CA GLN A 50 -22.00 -14.08 7.18
C GLN A 50 -23.33 -14.35 6.51
N LYS A 51 -24.38 -14.55 7.30
CA LYS A 51 -25.71 -14.79 6.75
C LYS A 51 -26.42 -13.50 6.38
N ALA A 52 -26.07 -12.39 7.03
CA ALA A 52 -26.63 -11.08 6.69
C ALA A 52 -25.96 -10.47 5.48
N LYS A 53 -24.77 -10.94 5.13
CA LYS A 53 -24.15 -10.51 3.88
C LYS A 53 -24.95 -10.96 2.67
N LEU A 54 -25.68 -12.07 2.79
CA LEU A 54 -26.37 -12.62 1.63
C LEU A 54 -27.56 -11.77 1.19
N GLN A 55 -28.07 -10.90 2.06
CA GLN A 55 -29.13 -10.00 1.62
C GLN A 55 -28.69 -9.14 0.46
N CYS A 56 -27.45 -8.71 0.57
CA CYS A 56 -26.87 -7.84 -0.41
C CYS A 56 -26.32 -8.52 -1.63
N TYR A 57 -26.37 -9.83 -1.79
CA TYR A 57 -25.83 -10.30 -3.04
C TYR A 57 -26.97 -10.40 -4.02
N PRO A 58 -26.66 -10.20 -5.34
CA PRO A 58 -27.57 -10.60 -6.39
C PRO A 58 -27.57 -12.12 -6.52
N PRO A 59 -28.60 -12.71 -7.13
CA PRO A 59 -28.66 -14.16 -7.23
C PRO A 59 -27.40 -14.74 -7.86
N LYS A 60 -27.15 -16.01 -7.55
CA LYS A 60 -25.90 -16.63 -7.94
C LYS A 60 -25.77 -16.82 -9.45
N ALA A 61 -26.90 -16.98 -10.14
CA ALA A 61 -26.84 -17.26 -11.57
C ALA A 61 -26.42 -16.04 -12.39
N PHE A 62 -26.54 -14.84 -11.84
CA PHE A 62 -26.21 -13.64 -12.60
C PHE A 62 -24.80 -13.16 -12.34
N VAL A 63 -24.16 -13.63 -11.28
CA VAL A 63 -22.79 -13.27 -10.97
C VAL A 63 -21.86 -14.38 -11.43
N ALA A 64 -20.99 -14.06 -12.38
CA ALA A 64 -20.09 -15.02 -13.01
C ALA A 64 -18.67 -14.66 -12.65
N VAL A 65 -18.07 -15.42 -11.74
CA VAL A 65 -16.72 -15.19 -11.27
C VAL A 65 -15.83 -16.32 -11.77
N THR A 66 -14.68 -15.96 -12.31
CA THR A 66 -13.69 -16.88 -12.83
C THR A 66 -12.32 -16.44 -12.33
N ASP A 67 -11.28 -17.15 -12.77
CA ASP A 67 -9.95 -16.81 -12.32
C ASP A 67 -9.55 -15.41 -12.76
N SER A 68 -9.80 -15.08 -14.02
CA SER A 68 -9.26 -13.84 -14.59
C SER A 68 -10.24 -12.68 -14.55
N SER A 69 -11.45 -12.86 -14.03
CA SER A 69 -12.43 -11.79 -14.04
C SER A 69 -13.60 -12.16 -13.13
N ALA A 70 -14.46 -11.18 -12.89
CA ALA A 70 -15.74 -11.42 -12.22
C ALA A 70 -16.70 -10.36 -12.69
N LYS A 71 -17.83 -10.76 -13.26
CA LYS A 71 -18.80 -9.81 -13.76
C LYS A 71 -20.18 -10.12 -13.19
N ILE A 72 -21.07 -9.14 -13.27
CA ILE A 72 -22.46 -9.30 -12.90
C ILE A 72 -23.33 -8.82 -14.04
N ALA A 73 -24.42 -9.53 -14.31
CA ALA A 73 -25.35 -9.08 -15.32
C ALA A 73 -25.98 -7.76 -14.88
N LEU A 74 -25.90 -6.77 -15.76
CA LEU A 74 -26.26 -5.40 -15.37
C LEU A 74 -27.69 -5.33 -14.85
N GLN A 75 -28.61 -6.04 -15.49
CA GLN A 75 -30.00 -5.95 -15.08
C GLN A 75 -30.18 -6.45 -13.64
N ALA A 76 -29.45 -7.51 -13.27
CA ALA A 76 -29.58 -8.04 -11.92
C ALA A 76 -29.00 -7.07 -10.89
N LEU A 77 -27.83 -6.50 -11.20
CA LEU A 77 -27.25 -5.52 -10.29
C LEU A 77 -28.19 -4.35 -10.07
N LEU A 78 -28.87 -3.92 -11.12
CA LEU A 78 -29.77 -2.77 -11.00
C LEU A 78 -31.02 -3.13 -10.22
N ASP A 79 -31.60 -4.31 -10.50
CA ASP A 79 -32.70 -4.82 -9.69
C ASP A 79 -32.35 -4.75 -8.21
N LEU A 80 -31.17 -5.26 -7.87
CA LEU A 80 -30.75 -5.27 -6.47
C LEU A 80 -30.53 -3.86 -5.94
N THR A 81 -29.91 -2.99 -6.74
CA THR A 81 -29.63 -1.64 -6.28
C THR A 81 -30.92 -0.92 -5.91
N VAL A 82 -31.96 -1.05 -6.74
CA VAL A 82 -33.22 -0.40 -6.41
C VAL A 82 -33.91 -1.09 -5.24
N ASN A 83 -33.85 -2.42 -5.19
CA ASN A 83 -34.50 -3.12 -4.09
C ASN A 83 -33.88 -2.72 -2.75
N ARG A 84 -32.59 -2.42 -2.74
CA ARG A 84 -31.97 -1.90 -1.53
C ARG A 84 -32.37 -0.45 -1.29
N ILE A 85 -32.34 0.38 -2.33
CA ILE A 85 -32.64 1.79 -2.17
C ILE A 85 -34.01 1.99 -1.56
N PHE A 86 -34.99 1.18 -1.96
CA PHE A 86 -36.31 1.28 -1.35
C PHE A 86 -36.36 0.81 0.09
N GLU A 87 -35.24 0.44 0.70
CA GLU A 87 -35.25 0.16 2.12
C GLU A 87 -34.75 1.33 2.95
N THR A 88 -34.27 2.38 2.29
CA THR A 88 -33.87 3.58 3.01
C THR A 88 -34.78 4.77 2.75
N ILE A 89 -35.84 4.58 1.97
CA ILE A 89 -36.78 5.67 1.73
C ILE A 89 -37.47 6.03 3.04
N ARG A 90 -37.55 7.33 3.33
CA ARG A 90 -38.26 7.79 4.52
C ARG A 90 -39.65 7.17 4.59
N SER A 91 -40.44 7.32 3.54
CA SER A 91 -41.82 6.84 3.53
C SER A 91 -42.07 6.12 2.21
N PRO A 92 -42.17 4.79 2.24
CA PRO A 92 -42.33 4.04 0.98
C PRO A 92 -43.73 4.15 0.41
N ASP A 93 -44.73 4.37 1.26
CA ASP A 93 -46.10 4.50 0.76
C ASP A 93 -46.40 5.91 0.30
N ALA A 94 -45.68 6.91 0.81
CA ALA A 94 -46.00 8.30 0.47
C ALA A 94 -45.79 8.59 -1.01
N ILE A 95 -44.82 7.92 -1.65
CA ILE A 95 -44.66 8.07 -3.09
C ILE A 95 -45.84 7.42 -3.79
N GLN A 96 -46.42 8.13 -4.74
CA GLN A 96 -47.69 7.71 -5.30
C GLN A 96 -47.48 6.71 -6.43
N ASN A 97 -48.59 6.22 -6.98
CA ASN A 97 -48.55 5.28 -8.10
C ASN A 97 -48.32 6.08 -9.39
N LYS A 98 -47.12 6.64 -9.47
CA LYS A 98 -46.67 7.46 -10.59
C LYS A 98 -45.35 6.88 -11.09
N GLN A 99 -45.03 7.16 -12.35
CA GLN A 99 -43.82 6.60 -12.95
C GLN A 99 -42.59 7.02 -12.16
N LEU A 100 -41.65 6.10 -12.02
CA LEU A 100 -40.40 6.34 -11.32
C LEU A 100 -39.23 6.01 -12.23
N ILE A 101 -38.21 6.85 -12.20
CA ILE A 101 -37.03 6.66 -13.03
C ILE A 101 -35.79 6.88 -12.18
N LEU A 102 -34.91 5.90 -12.14
CA LEU A 102 -33.66 6.01 -11.41
C LEU A 102 -32.58 6.44 -12.38
N ILE A 103 -32.02 7.62 -12.15
CA ILE A 103 -30.95 8.14 -13.00
C ILE A 103 -29.62 7.87 -12.33
N SER A 104 -28.77 7.12 -13.02
CA SER A 104 -27.51 6.64 -12.49
C SER A 104 -26.41 6.87 -13.51
N LYS A 105 -25.18 6.89 -13.04
CA LYS A 105 -24.05 7.12 -13.92
C LYS A 105 -23.09 5.96 -13.80
N TRP A 106 -22.58 5.51 -14.94
CA TRP A 106 -21.70 4.36 -14.99
C TRP A 106 -20.47 4.68 -15.83
N GLY A 107 -19.47 3.83 -15.76
CA GLY A 107 -18.27 4.04 -16.54
C GLY A 107 -17.13 3.23 -16.00
N PHE A 108 -16.10 3.09 -16.82
CA PHE A 108 -14.97 2.22 -16.47
C PHE A 108 -13.67 2.98 -16.42
N ASP A 109 -12.73 2.43 -15.64
CA ASP A 109 -11.37 2.94 -15.57
C ASP A 109 -10.45 1.79 -15.23
N GLY A 110 -9.15 1.99 -15.46
CA GLY A 110 -8.14 0.98 -15.22
C GLY A 110 -7.22 1.38 -14.08
N ALA A 111 -7.01 0.45 -13.16
CA ALA A 111 -6.14 0.63 -12.01
C ALA A 111 -4.93 -0.28 -12.19
N SER A 112 -3.80 0.30 -12.58
CA SER A 112 -2.61 -0.49 -12.80
C SER A 112 -1.81 -0.64 -11.52
N ASN A 113 -0.73 -1.42 -11.62
CA ASN A 113 0.17 -1.69 -10.49
C ASN A 113 -0.58 -2.30 -9.32
N GLN A 114 -1.27 -3.39 -9.61
CA GLN A 114 -1.89 -4.22 -8.60
C GLN A 114 -0.86 -5.13 -7.95
N SER A 115 -1.25 -5.79 -6.87
CA SER A 115 -0.40 -6.77 -6.23
C SER A 115 -0.24 -7.97 -7.14
N ARG A 116 1.00 -8.27 -7.53
CA ARG A 116 1.26 -9.32 -8.51
C ARG A 116 1.45 -10.65 -7.79
N TYR A 117 0.37 -11.41 -7.67
CA TYR A 117 0.42 -12.69 -7.01
C TYR A 117 1.24 -13.69 -7.82
N LYS A 118 1.76 -14.69 -7.15
CA LYS A 118 2.43 -15.81 -7.80
C LYS A 118 1.56 -17.05 -7.61
N GLN A 119 0.69 -17.31 -8.56
CA GLN A 119 -0.30 -18.38 -8.45
C GLN A 119 -1.05 -18.47 -9.77
N ASN A 120 -1.67 -19.62 -10.02
CA ASN A 120 -2.78 -19.73 -10.99
C ASN A 120 -2.42 -19.07 -12.32
N ILE A 121 -1.45 -19.69 -12.97
CA ILE A 121 -0.73 -19.16 -14.13
C ILE A 121 -1.62 -18.89 -15.33
N GLU A 122 -2.94 -19.03 -15.17
CA GLU A 122 -3.90 -19.04 -16.28
C GLU A 122 -3.62 -17.99 -17.34
N SER A 123 -3.90 -18.34 -18.60
CA SER A 123 -3.28 -17.76 -19.78
C SER A 123 -3.14 -16.24 -19.76
N GLY A 124 -4.23 -15.52 -19.50
CA GLY A 124 -4.22 -14.14 -19.95
C GLY A 124 -3.64 -13.11 -19.00
N GLN A 125 -2.63 -12.39 -19.47
CA GLN A 125 -2.18 -11.10 -18.95
C GLN A 125 -1.74 -11.14 -17.50
N GLY A 126 -1.65 -12.33 -16.90
CA GLY A 126 -1.44 -12.37 -15.47
C GLY A 126 -2.44 -11.47 -14.75
N ASP A 127 -2.02 -10.94 -13.61
CA ASP A 127 -2.74 -9.85 -12.97
C ASP A 127 -1.74 -8.79 -12.54
N SER A 128 -1.64 -7.71 -13.31
CA SER A 128 -0.94 -6.53 -12.86
C SER A 128 -1.81 -5.30 -12.81
N SER A 129 -2.89 -5.26 -13.58
CA SER A 129 -3.72 -4.08 -13.72
C SER A 129 -5.15 -4.53 -14.02
N ILE A 130 -6.12 -3.90 -13.39
CA ILE A 130 -7.51 -4.25 -13.61
C ILE A 130 -8.17 -3.15 -14.42
N PHE A 131 -9.26 -3.50 -15.08
CA PHE A 131 -10.07 -2.53 -15.81
C PHE A 131 -11.52 -2.80 -15.43
N MET A 132 -12.11 -1.93 -14.62
CA MET A 132 -13.37 -2.24 -13.97
C MET A 132 -14.42 -1.18 -14.28
N THR A 133 -15.67 -1.61 -14.26
CA THR A 133 -16.83 -0.78 -14.55
C THR A 133 -17.64 -0.53 -13.28
N SER A 134 -18.12 0.68 -13.12
CA SER A 134 -18.77 1.13 -11.91
C SER A 134 -20.10 1.77 -12.27
N LEU A 135 -21.11 1.53 -11.45
CA LEU A 135 -22.45 2.08 -11.66
C LEU A 135 -22.96 2.65 -10.35
N VAL A 136 -23.00 3.96 -10.22
CA VAL A 136 -23.43 4.62 -8.99
C VAL A 136 -24.78 5.29 -9.25
N PRO A 137 -25.79 5.04 -8.42
CA PRO A 137 -27.08 5.68 -8.62
C PRO A 137 -27.04 7.12 -8.11
N LEU A 138 -27.50 8.05 -8.93
CA LEU A 138 -27.46 9.46 -8.60
C LEU A 138 -28.74 9.97 -7.97
N LYS A 139 -29.89 9.63 -8.55
CA LYS A 139 -31.12 10.22 -8.06
C LYS A 139 -32.29 9.34 -8.43
N LEU A 140 -33.35 9.43 -7.63
CA LEU A 140 -34.60 8.74 -7.90
C LEU A 140 -35.66 9.79 -8.18
N THR A 141 -36.22 9.75 -9.37
CA THR A 141 -37.09 10.79 -9.90
C THR A 141 -38.50 10.25 -10.00
N ALA A 142 -39.45 10.89 -9.35
CA ALA A 142 -40.86 10.60 -9.53
C ALA A 142 -41.46 11.78 -10.30
N ASP A 143 -41.51 11.64 -11.62
CA ASP A 143 -42.03 12.68 -12.51
C ASP A 143 -41.39 14.04 -12.20
N GLY A 144 -40.06 14.06 -12.16
CA GLY A 144 -39.32 15.26 -11.87
C GLY A 144 -39.12 15.55 -10.40
N ASP A 145 -39.92 14.97 -9.51
CA ASP A 145 -39.87 15.25 -8.09
C ASP A 145 -39.00 14.21 -7.39
N THR A 146 -37.89 14.66 -6.82
CA THR A 146 -36.93 13.74 -6.22
C THR A 146 -37.50 13.11 -4.97
N VAL A 147 -37.39 11.78 -4.86
CA VAL A 147 -37.74 11.06 -3.64
C VAL A 147 -36.49 10.64 -2.87
N TRP A 148 -35.43 10.24 -3.57
CA TRP A 148 -34.18 9.82 -2.95
C TRP A 148 -33.02 10.45 -3.70
N VAL A 149 -32.03 10.92 -2.98
CA VAL A 149 -30.85 11.54 -3.57
C VAL A 149 -29.61 11.00 -2.88
N ASN A 150 -28.57 10.75 -3.66
CA ASN A 150 -27.30 10.28 -3.15
C ASN A 150 -26.57 11.44 -2.50
N PRO A 151 -26.41 11.47 -1.18
CA PRO A 151 -25.92 12.69 -0.54
C PRO A 151 -24.52 13.07 -0.97
N LYS A 152 -23.69 12.11 -1.35
CA LYS A 152 -22.32 12.38 -1.77
C LYS A 152 -22.07 11.69 -3.10
N PRO A 153 -22.35 12.36 -4.21
CA PRO A 153 -22.36 11.66 -5.50
C PRO A 153 -20.99 11.21 -5.96
N CYS A 154 -19.91 11.65 -5.34
CA CYS A 154 -18.59 11.15 -5.68
C CYS A 154 -17.98 10.32 -4.58
N SER A 155 -18.76 9.91 -3.59
CA SER A 155 -18.26 9.07 -2.51
C SER A 155 -18.17 7.64 -2.99
N PRO A 156 -17.05 6.95 -2.75
CA PRO A 156 -16.96 5.53 -3.12
C PRO A 156 -17.81 4.61 -2.26
N MET A 157 -18.60 5.16 -1.33
CA MET A 157 -19.45 4.33 -0.49
C MET A 157 -20.71 3.89 -1.18
N TYR A 158 -21.09 4.51 -2.29
CA TYR A 158 -22.29 4.14 -3.03
C TYR A 158 -21.99 3.57 -4.41
N CYS A 159 -20.74 3.62 -4.84
CA CYS A 159 -20.36 3.17 -6.17
C CYS A 159 -20.47 1.66 -6.29
N ARG A 160 -21.42 1.18 -7.09
CA ARG A 160 -21.63 -0.25 -7.28
C ARG A 160 -20.71 -0.76 -8.37
N PRO A 161 -20.11 -1.93 -8.20
CA PRO A 161 -19.33 -2.52 -9.29
C PRO A 161 -20.21 -3.35 -10.21
N VAL A 162 -19.92 -3.28 -11.51
CA VAL A 162 -20.57 -4.14 -12.49
C VAL A 162 -19.69 -5.32 -12.84
N GLN A 163 -18.46 -5.06 -13.27
CA GLN A 163 -17.54 -6.11 -13.62
C GLN A 163 -16.13 -5.63 -13.41
N PHE A 164 -15.23 -6.56 -13.12
CA PHE A 164 -13.82 -6.23 -13.07
C PHE A 164 -13.01 -7.39 -13.59
N SER A 165 -12.01 -7.08 -14.41
CA SER A 165 -11.20 -8.08 -15.09
C SER A 165 -9.75 -7.64 -15.10
N PHE A 166 -8.85 -8.61 -15.11
CA PHE A 166 -7.41 -8.34 -15.01
C PHE A 166 -6.82 -8.19 -16.41
N VAL A 167 -7.12 -7.07 -17.05
CA VAL A 167 -6.59 -6.75 -18.37
C VAL A 167 -6.23 -5.27 -18.43
N LYS A 168 -5.19 -4.94 -19.20
CA LYS A 168 -4.78 -3.56 -19.34
C LYS A 168 -5.77 -2.79 -20.21
N GLU A 169 -6.26 -1.67 -19.71
CA GLU A 169 -7.27 -0.93 -20.47
C GLU A 169 -6.64 -0.35 -21.74
N THR A 170 -7.07 -0.89 -22.88
CA THR A 170 -6.56 -0.49 -24.19
C THR A 170 -7.73 -0.37 -25.14
N LYS A 171 -7.48 0.22 -26.31
CA LYS A 171 -8.58 0.59 -27.20
C LYS A 171 -9.52 -0.57 -27.49
N ASP A 172 -8.99 -1.77 -27.73
CA ASP A 172 -9.86 -2.88 -28.09
C ASP A 172 -10.72 -3.33 -26.92
N VAL A 173 -10.11 -3.54 -25.74
CA VAL A 173 -10.91 -4.00 -24.62
C VAL A 173 -11.89 -2.92 -24.19
N VAL A 174 -11.50 -1.66 -24.30
CA VAL A 174 -12.41 -0.58 -23.94
C VAL A 174 -13.59 -0.56 -24.89
N ILE A 175 -13.33 -0.64 -26.20
CA ILE A 175 -14.42 -0.65 -27.17
C ILE A 175 -15.33 -1.84 -26.96
N ASN A 176 -14.75 -3.01 -26.67
CA ASN A 176 -15.58 -4.21 -26.48
C ASN A 176 -16.46 -4.09 -25.26
N GLU A 177 -15.92 -3.58 -24.15
CA GLU A 177 -16.76 -3.46 -22.96
C GLU A 177 -17.79 -2.36 -23.14
N LYS A 178 -17.46 -1.28 -23.83
CA LYS A 178 -18.44 -0.25 -24.11
C LYS A 178 -19.57 -0.80 -24.96
N THR A 179 -19.25 -1.59 -25.99
CA THR A 179 -20.28 -2.21 -26.81
C THR A 179 -21.15 -3.13 -25.96
N ALA A 180 -20.52 -3.96 -25.14
CA ALA A 180 -21.28 -4.91 -24.33
C ALA A 180 -22.20 -4.20 -23.36
N MET A 181 -21.72 -3.13 -22.73
CA MET A 181 -22.54 -2.41 -21.77
C MET A 181 -23.64 -1.62 -22.45
N ASP A 182 -23.39 -1.11 -23.65
CA ASP A 182 -24.47 -0.47 -24.38
C ASP A 182 -25.56 -1.47 -24.73
N ASP A 183 -25.17 -2.68 -25.16
CA ASP A 183 -26.16 -3.70 -25.44
C ASP A 183 -26.93 -4.08 -24.19
N GLU A 184 -26.22 -4.28 -23.08
CA GLU A 184 -26.88 -4.63 -21.83
C GLU A 184 -27.80 -3.53 -21.35
N ILE A 185 -27.50 -2.29 -21.68
CA ILE A 185 -28.38 -1.18 -21.31
C ILE A 185 -29.61 -1.16 -22.18
N GLU A 186 -29.43 -1.39 -23.49
CA GLU A 186 -30.60 -1.49 -24.36
C GLU A 186 -31.54 -2.58 -23.89
N ALA A 187 -31.02 -3.75 -23.59
CA ALA A 187 -31.90 -4.89 -23.33
C ALA A 187 -32.49 -4.90 -21.93
N LEU A 188 -32.19 -3.91 -21.10
CA LEU A 188 -32.66 -4.00 -19.73
C LEU A 188 -34.10 -3.51 -19.60
N VAL A 189 -34.85 -4.19 -18.75
CA VAL A 189 -36.28 -3.96 -18.54
C VAL A 189 -36.41 -3.19 -17.23
N PRO A 190 -37.41 -2.32 -17.08
CA PRO A 190 -37.60 -1.65 -15.79
C PRO A 190 -37.77 -2.65 -14.66
N SER A 191 -37.22 -2.30 -13.50
CA SER A 191 -37.30 -3.14 -12.33
C SER A 191 -38.66 -2.98 -11.66
N LYS A 192 -39.07 -4.02 -10.94
CA LYS A 192 -40.34 -4.02 -10.22
C LYS A 192 -40.05 -4.18 -8.73
N CYS A 193 -40.19 -3.10 -7.98
CA CYS A 193 -39.97 -3.12 -6.54
C CYS A 193 -41.26 -2.74 -5.83
N GLN A 194 -41.87 -3.72 -5.15
CA GLN A 194 -43.06 -3.54 -4.33
C GLN A 194 -44.12 -2.69 -5.02
N GLY A 195 -44.51 -3.11 -6.21
CA GLY A 195 -45.58 -2.46 -6.93
C GLY A 195 -45.18 -1.18 -7.63
N HIS A 196 -43.94 -0.75 -7.51
CA HIS A 196 -43.42 0.41 -8.21
C HIS A 196 -42.49 -0.06 -9.32
N GLU A 197 -42.77 0.36 -10.54
CA GLU A 197 -41.90 0.08 -11.66
C GLU A 197 -40.91 1.23 -11.77
N ILE A 198 -39.63 0.90 -11.68
CA ILE A 198 -38.56 1.88 -11.78
C ILE A 198 -37.84 1.65 -13.10
N SER A 199 -37.94 2.62 -14.00
CA SER A 199 -37.21 2.55 -15.26
C SER A 199 -35.85 3.20 -15.07
N HIS A 200 -34.83 2.62 -15.71
CA HIS A 200 -33.47 3.04 -15.46
C HIS A 200 -32.96 3.94 -16.58
N LYS A 201 -32.29 5.03 -16.20
CA LYS A 201 -31.59 5.89 -17.14
C LYS A 201 -30.13 5.95 -16.74
N LEU A 202 -29.28 5.30 -17.52
CA LEU A 202 -27.86 5.20 -17.23
C LEU A 202 -27.08 6.11 -18.16
N MET A 203 -26.25 6.96 -17.58
CA MET A 203 -25.41 7.88 -18.35
C MET A 203 -23.95 7.57 -18.08
N MET A 204 -23.17 7.46 -19.16
CA MET A 204 -21.76 7.09 -19.07
C MET A 204 -20.93 8.36 -18.91
N THR A 205 -20.89 8.88 -17.68
CA THR A 205 -20.11 10.06 -17.39
C THR A 205 -18.96 9.84 -16.43
N MET A 206 -18.89 8.70 -15.75
CA MET A 206 -17.74 8.40 -14.92
C MET A 206 -16.70 7.83 -15.86
N ILE A 207 -15.89 8.72 -16.44
CA ILE A 207 -15.01 8.34 -17.52
C ILE A 207 -13.89 9.36 -17.61
N ASP A 208 -12.75 8.90 -18.08
CA ASP A 208 -11.57 9.71 -18.22
C ASP A 208 -11.43 10.11 -19.69
N GLY A 209 -10.59 11.09 -19.98
CA GLY A 209 -10.46 11.54 -21.35
C GLY A 209 -9.86 10.51 -22.30
N LYS A 210 -8.98 9.64 -21.80
CA LYS A 210 -8.40 8.62 -22.67
C LYS A 210 -9.47 7.67 -23.18
N ILE A 211 -10.27 7.13 -22.27
CA ILE A 211 -11.41 6.30 -22.69
C ILE A 211 -12.33 7.10 -23.59
N CYS A 212 -12.46 8.38 -23.33
CA CYS A 212 -13.42 9.18 -24.08
C CYS A 212 -12.97 9.37 -25.52
N THR A 213 -11.68 9.56 -25.75
CA THR A 213 -11.19 9.64 -27.11
C THR A 213 -11.17 8.27 -27.77
N TYR A 214 -10.99 7.21 -26.98
CA TYR A 214 -11.16 5.87 -27.53
C TYR A 214 -12.56 5.68 -28.10
N LEU A 215 -13.57 6.16 -27.39
CA LEU A 215 -14.95 5.82 -27.73
C LEU A 215 -15.46 6.66 -28.88
N SER A 216 -15.16 7.95 -28.89
CA SER A 216 -15.69 8.85 -29.90
C SER A 216 -15.11 8.51 -31.27
N GLU A 217 -15.58 9.23 -32.29
CA GLU A 217 -15.09 9.06 -33.65
C GLU A 217 -13.87 9.97 -33.83
N ALA A 218 -12.83 9.72 -33.02
CA ALA A 218 -11.63 10.54 -33.03
C ALA A 218 -10.44 9.65 -32.77
N LYS A 219 -9.37 9.84 -33.54
CA LYS A 219 -8.25 8.90 -33.52
C LYS A 219 -7.12 9.33 -32.61
N SER A 220 -6.83 10.62 -32.50
CA SER A 220 -5.71 11.10 -31.70
C SER A 220 -6.20 11.81 -30.45
N ASN A 221 -5.47 11.64 -29.35
CA ASN A 221 -5.80 12.31 -28.12
C ASN A 221 -5.63 13.82 -28.21
N ALA A 222 -4.80 14.30 -29.15
CA ALA A 222 -4.52 15.72 -29.21
C ALA A 222 -5.68 16.50 -29.82
N ALA A 223 -6.66 15.80 -30.39
CA ALA A 223 -7.79 16.45 -31.03
C ALA A 223 -9.01 16.44 -30.12
N CYS A 224 -9.76 17.54 -30.14
CA CYS A 224 -10.97 17.62 -29.35
C CYS A 224 -12.02 16.67 -29.92
N TYR A 225 -12.31 15.61 -29.18
CA TYR A 225 -13.15 14.54 -29.73
C TYR A 225 -14.54 15.02 -30.09
N LEU A 226 -14.98 16.16 -29.55
CA LEU A 226 -16.30 16.65 -29.87
C LEU A 226 -16.32 17.37 -31.22
N CYS A 227 -15.26 18.10 -31.51
CA CYS A 227 -15.21 18.82 -32.77
C CYS A 227 -14.16 18.27 -33.73
N LEU A 228 -13.48 17.18 -33.36
CA LEU A 228 -12.43 16.60 -34.20
C LEU A 228 -11.44 17.68 -34.63
N ALA A 229 -11.25 18.68 -33.79
CA ALA A 229 -10.42 19.83 -34.11
C ALA A 229 -8.96 19.50 -33.89
N LYS A 230 -8.16 19.69 -34.94
CA LYS A 230 -6.72 19.49 -34.84
C LYS A 230 -6.10 20.55 -33.95
N PRO A 231 -5.00 20.21 -33.25
CA PRO A 231 -4.48 21.12 -32.22
C PRO A 231 -4.02 22.47 -32.73
N THR A 232 -3.72 22.61 -34.02
CA THR A 232 -3.32 23.93 -34.52
C THR A 232 -4.54 24.80 -34.81
N GLU A 233 -5.70 24.18 -34.96
CA GLU A 233 -6.92 24.91 -35.24
C GLU A 233 -7.61 25.41 -33.97
N MET A 234 -7.22 24.89 -32.82
CA MET A 234 -7.95 25.13 -31.58
C MET A 234 -7.68 26.50 -30.97
N SER A 235 -6.99 27.39 -31.68
CA SER A 235 -6.84 28.75 -31.18
C SER A 235 -7.98 29.64 -31.62
N LYS A 236 -8.33 29.61 -32.90
CA LYS A 236 -9.42 30.43 -33.41
C LYS A 236 -10.76 29.95 -32.88
N LEU A 237 -11.55 30.89 -32.36
CA LEU A 237 -12.81 30.55 -31.70
C LEU A 237 -13.97 30.37 -32.68
N ASP A 238 -14.11 31.29 -33.64
CA ASP A 238 -15.27 31.22 -34.54
C ASP A 238 -15.22 29.98 -35.42
N VAL A 239 -14.05 29.66 -35.97
CA VAL A 239 -13.90 28.48 -36.80
C VAL A 239 -14.36 27.23 -36.05
N ILE A 240 -14.02 27.16 -34.75
CA ILE A 240 -14.46 26.03 -33.95
C ILE A 240 -15.96 26.09 -33.70
N ALA A 241 -16.48 27.29 -33.44
CA ALA A 241 -17.92 27.42 -33.23
C ALA A 241 -18.70 26.94 -34.43
N SER A 242 -18.09 26.97 -35.62
CA SER A 242 -18.75 26.43 -36.80
C SER A 242 -18.77 24.91 -36.83
N LYS A 243 -17.93 24.26 -36.02
CA LYS A 243 -17.72 22.82 -36.16
C LYS A 243 -18.96 22.02 -35.77
N THR A 244 -19.25 21.00 -36.57
CA THR A 244 -20.34 20.09 -36.29
C THR A 244 -19.89 19.02 -35.30
N ILE A 245 -20.72 18.77 -34.29
CA ILE A 245 -20.37 17.88 -33.21
C ILE A 245 -20.59 16.43 -33.65
N SER A 246 -19.75 15.53 -33.17
CA SER A 246 -19.98 14.13 -33.40
C SER A 246 -21.29 13.71 -32.73
N SER A 247 -21.80 12.56 -33.14
CA SER A 247 -23.14 12.14 -32.74
C SER A 247 -23.12 11.56 -31.33
N GLY A 248 -24.05 12.01 -30.50
CA GLY A 248 -24.28 11.42 -29.19
C GLY A 248 -23.07 11.39 -28.28
N VAL A 249 -22.04 12.18 -28.58
CA VAL A 249 -20.85 12.20 -27.73
C VAL A 249 -21.06 13.07 -26.50
N TYR A 250 -22.05 13.96 -26.50
CA TYR A 250 -22.38 14.70 -25.29
C TYR A 250 -22.63 13.79 -24.11
N GLU A 251 -22.98 12.52 -24.35
CA GLU A 251 -23.16 11.56 -23.27
C GLU A 251 -21.90 11.45 -22.42
N PHE A 252 -20.74 11.54 -23.06
CA PHE A 252 -19.47 11.46 -22.36
C PHE A 252 -19.24 12.79 -21.68
N GLY A 253 -19.98 13.00 -20.60
CA GLY A 253 -20.01 14.28 -19.93
C GLY A 253 -18.66 14.82 -19.51
N LEU A 254 -18.63 16.08 -19.11
CA LEU A 254 -17.39 16.71 -18.69
C LEU A 254 -16.77 15.95 -17.54
N SER A 255 -15.54 15.51 -17.74
CA SER A 255 -14.79 14.83 -16.67
C SER A 255 -14.30 15.87 -15.68
N THR A 256 -14.98 16.01 -14.55
CA THR A 256 -14.69 17.12 -13.65
C THR A 256 -13.40 16.90 -12.88
N LEU A 257 -13.03 15.65 -12.63
CA LEU A 257 -11.79 15.38 -11.92
C LEU A 257 -10.58 15.67 -12.80
N HIS A 258 -10.52 15.04 -13.97
CA HIS A 258 -9.33 15.15 -14.80
C HIS A 258 -9.24 16.50 -15.48
N ALA A 259 -10.36 17.20 -15.69
CA ALA A 259 -10.30 18.52 -16.30
C ALA A 259 -9.53 19.48 -15.42
N ARG A 260 -9.69 19.36 -14.10
CA ARG A 260 -8.97 20.20 -13.15
C ARG A 260 -7.46 20.03 -13.28
N ILE A 261 -7.01 18.78 -13.26
CA ILE A 261 -5.58 18.51 -13.33
C ILE A 261 -5.02 18.90 -14.68
N ASN A 262 -5.78 18.67 -15.74
CA ASN A 262 -5.25 18.99 -17.06
C ASN A 262 -5.24 20.49 -17.32
N VAL A 263 -6.17 21.23 -16.72
CA VAL A 263 -6.07 22.70 -16.77
C VAL A 263 -4.87 23.18 -15.98
N MET A 264 -4.65 22.61 -14.80
CA MET A 264 -3.44 22.92 -14.04
C MET A 264 -2.22 22.69 -14.90
N GLU A 265 -2.18 21.56 -15.61
CA GLU A 265 -1.01 21.22 -16.41
C GLU A 265 -0.90 22.10 -17.65
N CYS A 266 -2.02 22.59 -18.19
CA CYS A 266 -1.94 23.51 -19.31
C CYS A 266 -1.37 24.86 -18.87
N LEU A 267 -1.87 25.39 -17.76
CA LEU A 267 -1.30 26.62 -17.23
C LEU A 267 0.18 26.45 -16.92
N LEU A 268 0.56 25.30 -16.38
CA LEU A 268 1.98 25.04 -16.14
C LEU A 268 2.76 25.04 -17.45
N HIS A 269 2.40 24.16 -18.38
CA HIS A 269 3.12 24.08 -19.64
C HIS A 269 3.11 25.37 -20.42
N ILE A 270 2.27 26.33 -20.05
CA ILE A 270 2.46 27.69 -20.54
C ILE A 270 3.55 28.37 -19.74
N ALA A 271 3.58 28.16 -18.43
CA ALA A 271 4.57 28.81 -17.59
C ALA A 271 5.98 28.37 -17.94
N TYR A 272 6.17 27.07 -18.21
CA TYR A 272 7.50 26.53 -18.40
C TYR A 272 8.21 27.19 -19.56
N ARG A 273 7.52 27.39 -20.67
CA ARG A 273 8.14 27.90 -21.89
C ARG A 273 7.84 29.37 -22.12
N LEU A 274 7.59 30.12 -21.04
CA LEU A 274 7.24 31.53 -21.15
C LEU A 274 8.34 32.36 -21.79
N ASP A 275 9.57 31.88 -21.85
CA ASP A 275 10.63 32.70 -22.41
C ASP A 275 10.53 32.81 -23.92
N PHE A 276 10.53 31.68 -24.62
CA PHE A 276 10.56 31.68 -26.08
C PHE A 276 9.18 31.64 -26.71
N LYS A 277 8.14 31.34 -25.94
CA LYS A 277 6.76 31.56 -26.34
C LYS A 277 6.42 30.84 -27.65
N LYS A 278 6.55 29.52 -27.62
CA LYS A 278 6.05 28.68 -28.70
C LYS A 278 5.44 27.42 -28.12
N TRP A 279 4.58 26.77 -28.90
CA TRP A 279 3.92 25.56 -28.43
C TRP A 279 4.92 24.44 -28.24
N SER A 280 5.63 24.07 -29.29
CA SER A 280 6.54 22.96 -29.21
C SER A 280 7.88 23.39 -28.62
N ALA A 281 8.58 22.43 -28.05
CA ALA A 281 9.95 22.61 -27.60
C ALA A 281 10.96 22.28 -28.69
N ARG A 282 10.51 22.17 -29.94
CA ARG A 282 11.39 21.86 -31.05
C ARG A 282 12.12 23.12 -31.46
N GLY A 283 13.45 23.11 -31.35
CA GLY A 283 14.22 24.24 -31.82
C GLY A 283 15.64 24.19 -31.28
N GLU A 284 16.35 25.29 -31.52
CA GLU A 284 17.71 25.47 -31.02
C GLU A 284 17.64 26.23 -29.70
N GLY A 285 18.02 25.57 -28.61
CA GLY A 285 17.96 26.17 -27.29
C GLY A 285 16.59 26.19 -26.65
N HIS A 286 15.57 25.73 -27.36
CA HIS A 286 14.24 25.67 -26.77
C HIS A 286 14.18 24.67 -25.63
N GLN A 287 14.70 23.46 -25.85
CA GLN A 287 14.70 22.45 -24.81
C GLN A 287 15.42 22.93 -23.56
N GLU A 288 16.56 23.58 -23.73
CA GLU A 288 17.37 23.96 -22.59
C GLU A 288 16.71 25.06 -21.77
N LEU A 289 16.21 26.10 -22.43
CA LEU A 289 15.47 27.15 -21.71
C LEU A 289 14.24 26.56 -21.01
N LEU A 290 13.51 25.71 -21.72
CA LEU A 290 12.32 25.07 -21.15
C LEU A 290 12.68 24.32 -19.88
N HIS A 291 13.72 23.49 -19.91
CA HIS A 291 14.04 22.69 -18.75
C HIS A 291 14.61 23.52 -17.62
N SER A 292 15.39 24.55 -17.93
CA SER A 292 15.90 25.42 -16.86
C SER A 292 14.75 26.11 -16.15
N ARG A 293 13.86 26.75 -16.91
CA ARG A 293 12.70 27.39 -16.29
C ARG A 293 11.83 26.37 -15.56
N LYS A 294 11.77 25.14 -16.07
CA LYS A 294 10.97 24.11 -15.43
C LYS A 294 11.52 23.78 -14.05
N LYS A 295 12.83 23.58 -13.96
CA LYS A 295 13.44 23.35 -12.66
C LYS A 295 13.25 24.54 -11.73
N LEU A 296 13.36 25.76 -12.28
CA LEU A 296 13.18 26.94 -11.45
C LEU A 296 11.77 27.01 -10.89
N ILE A 297 10.77 26.77 -11.73
CA ILE A 297 9.39 26.82 -11.27
C ILE A 297 9.12 25.72 -10.25
N GLN A 298 9.69 24.54 -10.48
CA GLN A 298 9.54 23.45 -9.52
C GLN A 298 10.07 23.85 -8.16
N ASP A 299 11.28 24.41 -8.13
CA ASP A 299 11.86 24.78 -6.84
C ASP A 299 11.10 25.93 -6.19
N ARG A 300 10.59 26.88 -6.98
CA ARG A 300 9.83 27.97 -6.38
C ARG A 300 8.53 27.47 -5.78
N PHE A 301 7.85 26.54 -6.47
CA PHE A 301 6.67 25.91 -5.91
C PHE A 301 7.01 25.19 -4.62
N LYS A 302 8.08 24.39 -4.64
CA LYS A 302 8.56 23.73 -3.43
C LYS A 302 8.68 24.70 -2.28
N ASP A 303 9.42 25.79 -2.47
CA ASP A 303 9.63 26.74 -1.39
C ASP A 303 8.31 27.33 -0.91
N ASP A 304 7.56 27.98 -1.80
CA ASP A 304 6.48 28.84 -1.32
C ASP A 304 5.22 28.04 -0.98
N LEU A 305 4.81 27.11 -1.84
CA LEU A 305 3.56 26.41 -1.64
C LEU A 305 3.73 24.97 -1.18
N ASN A 306 4.96 24.49 -1.05
CA ASN A 306 5.23 23.19 -0.44
C ASN A 306 4.48 22.06 -1.14
N LEU A 307 4.70 21.91 -2.44
CA LEU A 307 4.04 20.82 -3.15
C LEU A 307 4.88 20.41 -4.35
N LEU A 308 4.93 19.10 -4.58
CA LEU A 308 5.70 18.57 -5.69
C LEU A 308 4.99 18.89 -7.00
N ILE A 309 5.77 19.27 -8.01
CA ILE A 309 5.21 19.66 -9.29
C ILE A 309 5.96 18.94 -10.41
N ASP A 310 5.28 17.99 -11.06
CA ASP A 310 5.79 17.29 -12.24
C ASP A 310 7.13 16.61 -11.96
N ILE A 311 7.15 15.79 -10.91
CA ILE A 311 8.24 14.86 -10.66
C ILE A 311 7.61 13.49 -10.44
N VAL A 312 8.24 12.45 -10.98
CA VAL A 312 7.55 11.18 -11.16
C VAL A 312 7.30 10.50 -9.82
N LYS A 313 6.23 9.72 -9.77
CA LYS A 313 5.87 8.94 -8.59
C LYS A 313 5.78 7.48 -8.97
N GLN A 314 5.82 6.64 -7.97
CA GLN A 314 5.81 5.24 -8.24
C GLN A 314 4.42 4.65 -8.31
N GLY A 315 4.03 4.29 -9.53
CA GLY A 315 2.78 3.61 -9.72
C GLY A 315 1.64 4.48 -10.19
N SER A 316 1.64 5.75 -9.79
CA SER A 316 0.57 6.69 -10.14
C SER A 316 1.06 7.75 -11.11
N GLY A 317 2.01 7.39 -11.97
CA GLY A 317 2.54 8.35 -12.91
C GLY A 317 3.30 9.47 -12.27
N THR A 318 2.75 10.68 -12.29
CA THR A 318 3.42 11.88 -11.82
C THR A 318 2.83 12.32 -10.49
N THR A 319 3.57 13.16 -9.78
CA THR A 319 3.07 13.81 -8.57
C THR A 319 2.27 15.06 -8.94
N ASN A 320 1.21 14.86 -9.70
CA ASN A 320 0.16 15.86 -9.87
C ASN A 320 -1.11 15.22 -9.37
N ASP A 321 -1.45 15.46 -8.12
CA ASP A 321 -2.64 14.88 -7.53
C ASP A 321 -3.78 15.87 -7.70
N GLY A 322 -4.99 15.41 -7.38
CA GLY A 322 -6.09 16.34 -7.35
C GLY A 322 -5.87 17.43 -6.32
N ASN A 323 -5.32 17.08 -5.16
CA ASN A 323 -5.09 18.08 -4.13
C ASN A 323 -3.98 19.03 -4.54
N THR A 324 -3.01 18.56 -5.31
CA THR A 324 -2.01 19.47 -5.86
C THR A 324 -2.67 20.51 -6.74
N ALA A 325 -3.66 20.11 -7.53
CA ALA A 325 -4.38 21.09 -8.33
C ALA A 325 -5.21 22.01 -7.46
N ARG A 326 -5.95 21.46 -6.50
CA ARG A 326 -6.79 22.29 -5.65
C ARG A 326 -5.97 23.33 -4.89
N ARG A 327 -4.71 23.00 -4.56
CA ARG A 327 -3.83 23.99 -3.97
C ARG A 327 -3.25 24.93 -5.00
N PHE A 328 -3.07 24.45 -6.24
CA PHE A 328 -2.60 25.31 -7.31
C PHE A 328 -3.63 26.38 -7.65
N PHE A 329 -4.87 26.22 -7.15
CA PHE A 329 -5.95 27.15 -7.38
C PHE A 329 -6.49 27.76 -6.10
N GLU A 330 -5.79 27.60 -4.97
CA GLU A 330 -6.31 28.15 -3.73
C GLU A 330 -6.17 29.66 -3.67
N PHE A 331 -5.01 30.19 -4.06
CA PHE A 331 -4.76 31.62 -4.07
C PHE A 331 -4.07 31.92 -5.39
N PRO A 332 -4.80 32.40 -6.38
CA PRO A 332 -4.19 32.58 -7.71
C PRO A 332 -3.10 33.62 -7.73
N ASP A 333 -3.07 34.54 -6.77
CA ASP A 333 -2.01 35.55 -6.74
C ASP A 333 -0.64 34.92 -6.50
N LYS A 334 -0.54 34.04 -5.50
CA LYS A 334 0.72 33.37 -5.23
C LYS A 334 1.20 32.61 -6.45
N THR A 335 0.37 31.70 -6.98
CA THR A 335 0.80 30.87 -8.09
C THR A 335 1.09 31.71 -9.32
N ALA A 336 0.40 32.84 -9.46
CA ALA A 336 0.68 33.74 -10.57
C ALA A 336 2.09 34.29 -10.45
N ALA A 337 2.42 34.84 -9.27
CA ALA A 337 3.77 35.38 -9.07
C ALA A 337 4.82 34.28 -9.13
N ILE A 338 4.42 33.03 -8.89
CA ILE A 338 5.37 31.92 -8.86
C ILE A 338 5.70 31.47 -10.27
N THR A 339 4.68 31.28 -11.10
CA THR A 339 4.92 30.73 -12.43
C THR A 339 5.28 31.81 -13.45
N GLY A 340 4.62 32.96 -13.39
CA GLY A 340 4.78 33.98 -14.41
C GLY A 340 3.56 34.17 -15.28
N LEU A 341 2.51 33.37 -15.09
CA LEU A 341 1.26 33.57 -15.80
C LEU A 341 0.60 34.87 -15.35
N ASP A 342 -0.52 35.18 -15.99
CA ASP A 342 -1.35 36.27 -15.52
C ASP A 342 -2.22 35.81 -14.36
N GLU A 343 -2.47 36.70 -13.41
CA GLU A 343 -3.27 36.32 -12.26
C GLU A 343 -4.74 36.16 -12.63
N ASP A 344 -5.25 37.03 -13.50
CA ASP A 344 -6.67 37.01 -13.80
C ASP A 344 -7.06 35.78 -14.61
N LEU A 345 -6.16 35.27 -15.45
CA LEU A 345 -6.45 34.04 -16.17
C LEU A 345 -6.60 32.86 -15.21
N ILE A 346 -5.66 32.73 -14.28
CA ILE A 346 -5.76 31.66 -13.30
C ILE A 346 -7.01 31.84 -12.45
N ARG A 347 -7.35 33.09 -12.13
CA ARG A 347 -8.54 33.35 -11.34
C ARG A 347 -9.79 32.87 -12.08
N ARG A 348 -9.87 33.17 -13.38
CA ARG A 348 -11.02 32.76 -14.15
C ARG A 348 -11.10 31.24 -14.26
N PHE A 349 -9.96 30.58 -14.43
CA PHE A 349 -9.98 29.13 -14.53
C PHE A 349 -10.41 28.50 -13.21
N SER A 350 -9.89 29.01 -12.10
CA SER A 350 -10.33 28.53 -10.79
C SER A 350 -11.82 28.74 -10.61
N VAL A 351 -12.35 29.85 -11.10
CA VAL A 351 -13.77 30.15 -10.92
C VAL A 351 -14.62 29.15 -11.70
N ILE A 352 -14.26 28.89 -12.95
CA ILE A 352 -15.08 27.94 -13.70
C ILE A 352 -14.90 26.54 -13.14
N LEU A 353 -13.76 26.23 -12.55
CA LEU A 353 -13.58 24.90 -11.99
C LEU A 353 -14.41 24.71 -10.73
N GLN A 354 -14.51 25.76 -9.90
CA GLN A 354 -15.46 25.72 -8.79
C GLN A 354 -16.88 25.56 -9.30
N ALA A 355 -17.23 26.27 -10.37
CA ALA A 355 -18.57 26.13 -10.91
C ALA A 355 -18.85 24.70 -11.34
N ILE A 356 -17.91 24.10 -12.05
CA ILE A 356 -18.12 22.74 -12.56
C ILE A 356 -18.18 21.76 -11.41
N THR A 357 -17.11 21.68 -10.62
CA THR A 357 -17.02 20.69 -9.56
C THR A 357 -17.86 21.01 -8.34
N SER A 358 -18.67 22.07 -8.38
CA SER A 358 -19.42 22.46 -7.20
C SER A 358 -20.51 21.46 -6.87
N GLY A 359 -21.07 20.80 -7.88
CA GLY A 359 -22.21 19.96 -7.64
C GLY A 359 -23.51 20.71 -7.47
N GLU A 360 -23.55 21.99 -7.83
CA GLU A 360 -24.75 22.79 -7.81
C GLU A 360 -25.24 23.04 -9.25
N ILE A 361 -26.51 23.39 -9.37
CA ILE A 361 -27.09 23.65 -10.68
C ILE A 361 -26.42 24.89 -11.25
N ILE A 362 -26.12 24.86 -12.54
CA ILE A 362 -25.43 25.96 -13.21
C ILE A 362 -26.38 26.62 -14.20
N ASP A 363 -26.21 27.92 -14.40
CA ASP A 363 -26.98 28.65 -15.40
C ASP A 363 -26.16 28.70 -16.68
N VAL A 364 -26.54 27.89 -17.66
CA VAL A 364 -25.76 27.73 -18.89
C VAL A 364 -25.66 29.02 -19.70
N PRO A 365 -26.62 29.98 -19.68
CA PRO A 365 -26.34 31.24 -20.38
C PRO A 365 -25.17 31.99 -19.77
N LYS A 366 -25.19 32.14 -18.44
CA LYS A 366 -24.11 32.84 -17.77
C LYS A 366 -22.80 32.05 -17.88
N PHE A 367 -22.88 30.72 -17.83
CA PHE A 367 -21.66 29.94 -17.95
C PHE A 367 -21.07 30.05 -19.34
N LYS A 368 -21.89 29.99 -20.37
CA LYS A 368 -21.38 30.14 -21.73
C LYS A 368 -20.79 31.51 -21.94
N GLU A 369 -21.44 32.55 -21.40
CA GLU A 369 -20.86 33.89 -21.45
C GLU A 369 -19.49 33.92 -20.79
N TYR A 370 -19.40 33.38 -19.57
CA TYR A 370 -18.15 33.39 -18.84
C TYR A 370 -17.08 32.60 -19.58
N ALA A 371 -17.46 31.49 -20.20
CA ALA A 371 -16.49 30.64 -20.87
C ALA A 371 -15.98 31.28 -22.15
N ARG A 372 -16.85 31.91 -22.93
CA ARG A 372 -16.34 32.57 -24.13
C ARG A 372 -15.52 33.81 -23.78
N THR A 373 -15.88 34.51 -22.70
CA THR A 373 -15.01 35.58 -22.24
C THR A 373 -13.65 35.04 -21.83
N THR A 374 -13.63 33.89 -21.15
CA THR A 374 -12.35 33.32 -20.72
C THR A 374 -11.54 32.85 -21.91
N ALA A 375 -12.19 32.32 -22.94
CA ALA A 375 -11.46 31.94 -24.14
C ALA A 375 -10.86 33.17 -24.82
N GLU A 376 -11.63 34.26 -24.92
CA GLU A 376 -11.08 35.48 -25.49
C GLU A 376 -9.89 35.96 -24.68
N LYS A 377 -9.99 35.89 -23.35
CA LYS A 377 -8.89 36.33 -22.50
C LYS A 377 -7.67 35.44 -22.68
N TYR A 378 -7.88 34.14 -22.84
CA TYR A 378 -6.77 33.23 -23.05
C TYR A 378 -6.07 33.53 -24.36
N VAL A 379 -6.83 33.76 -25.42
CA VAL A 379 -6.22 34.02 -26.72
C VAL A 379 -5.48 35.35 -26.70
N GLU A 380 -6.08 36.37 -26.09
CA GLU A 380 -5.39 37.66 -26.05
C GLU A 380 -4.12 37.58 -25.22
N LEU A 381 -4.15 36.79 -24.14
CA LEU A 381 -2.97 36.67 -23.30
C LEU A 381 -1.90 35.81 -23.96
N TYR A 382 -2.24 34.54 -24.24
CA TYR A 382 -1.30 33.59 -24.84
C TYR A 382 -1.98 32.99 -26.07
N ASP A 383 -1.59 33.45 -27.24
CA ASP A 383 -2.08 32.87 -28.48
C ASP A 383 -1.20 31.74 -28.97
N TRP A 384 0.06 31.74 -28.55
CA TRP A 384 1.04 30.82 -29.11
C TRP A 384 0.82 29.40 -28.62
N TYR A 385 0.52 29.22 -27.34
CA TYR A 385 0.32 27.87 -26.80
C TYR A 385 -1.09 27.41 -27.14
N TYR A 386 -1.20 26.48 -28.07
CA TYR A 386 -2.50 25.97 -28.47
C TYR A 386 -3.17 25.25 -27.31
N MET A 387 -4.38 25.69 -26.97
CA MET A 387 -5.14 25.13 -25.86
C MET A 387 -5.07 23.62 -25.86
N SER A 388 -4.79 23.04 -24.70
CA SER A 388 -4.82 21.60 -24.58
C SER A 388 -6.25 21.09 -24.72
N SER A 389 -6.39 19.90 -25.31
CA SER A 389 -7.71 19.40 -25.67
C SER A 389 -8.69 19.50 -24.51
N THR A 390 -8.22 19.27 -23.28
CA THR A 390 -9.12 19.31 -22.14
C THR A 390 -9.56 20.73 -21.83
N VAL A 391 -8.65 21.69 -21.83
CA VAL A 391 -9.07 23.05 -21.52
C VAL A 391 -9.93 23.62 -22.64
N HIS A 392 -9.68 23.21 -23.88
CA HIS A 392 -10.55 23.63 -24.96
C HIS A 392 -11.95 23.03 -24.82
N LYS A 393 -12.02 21.73 -24.55
CA LYS A 393 -13.31 21.12 -24.28
C LYS A 393 -14.02 21.81 -23.13
N LEU A 394 -13.25 22.27 -22.16
CA LEU A 394 -13.84 22.90 -20.98
C LEU A 394 -14.43 24.26 -21.31
N LEU A 395 -13.74 25.03 -22.14
CA LEU A 395 -14.20 26.39 -22.42
C LEU A 395 -15.21 26.43 -23.56
N ILE A 396 -14.87 25.85 -24.70
CA ILE A 396 -15.74 25.96 -25.87
C ILE A 396 -16.98 25.09 -25.70
N HIS A 397 -16.79 23.79 -25.52
CA HIS A 397 -17.89 22.84 -25.47
C HIS A 397 -18.45 22.64 -24.08
N GLY A 398 -17.97 23.37 -23.08
CA GLY A 398 -18.41 23.13 -21.71
C GLY A 398 -19.85 23.50 -21.48
N GLY A 399 -20.29 24.64 -22.00
CA GLY A 399 -21.67 25.03 -21.83
C GLY A 399 -22.63 24.04 -22.43
N ASP A 400 -22.30 23.52 -23.61
CA ASP A 400 -23.20 22.59 -24.27
C ASP A 400 -23.24 21.24 -23.54
N ILE A 401 -22.08 20.74 -23.11
CA ILE A 401 -22.09 19.45 -22.40
C ILE A 401 -22.61 19.59 -20.99
N ILE A 402 -22.76 20.81 -20.49
CA ILE A 402 -23.48 21.01 -19.24
C ILE A 402 -24.98 21.05 -19.49
N ALA A 403 -25.41 21.84 -20.48
CA ALA A 403 -26.83 21.97 -20.76
C ALA A 403 -27.45 20.65 -21.18
N GLU A 404 -26.71 19.81 -21.89
CA GLU A 404 -27.25 18.50 -22.25
C GLU A 404 -27.48 17.65 -21.01
N ASN A 405 -26.44 17.48 -20.19
CA ASN A 405 -26.58 16.77 -18.92
C ASN A 405 -27.05 17.73 -17.82
N ALA A 406 -28.25 18.26 -18.01
CA ALA A 406 -28.80 19.23 -17.07
C ALA A 406 -29.75 18.62 -16.06
N ILE A 407 -30.10 17.34 -16.23
CA ILE A 407 -31.07 16.71 -15.35
C ILE A 407 -30.54 16.64 -13.93
N VAL A 408 -29.27 16.29 -13.77
CA VAL A 408 -28.60 16.29 -12.49
C VAL A 408 -27.41 17.23 -12.61
N PRO A 409 -27.12 18.08 -11.64
CA PRO A 409 -26.09 19.10 -11.84
C PRO A 409 -24.73 18.47 -12.07
N ILE A 410 -24.05 18.93 -13.12
CA ILE A 410 -22.72 18.41 -13.41
C ILE A 410 -21.83 18.67 -12.21
N GLY A 411 -20.83 17.82 -12.04
CA GLY A 411 -20.10 17.75 -10.80
C GLY A 411 -20.66 16.71 -9.86
N SER A 412 -21.98 16.49 -9.92
CA SER A 412 -22.53 15.21 -9.48
C SER A 412 -22.21 14.11 -10.49
N LEU A 413 -22.07 14.50 -11.76
CA LEU A 413 -21.50 13.60 -12.77
C LEU A 413 -20.00 13.84 -12.75
N SER A 414 -19.31 13.08 -11.92
CA SER A 414 -17.87 13.23 -11.73
C SER A 414 -17.27 11.85 -11.65
N GLU A 415 -16.14 11.65 -12.31
CA GLU A 415 -15.54 10.32 -12.29
C GLU A 415 -14.84 10.02 -10.98
N GLU A 416 -14.78 10.99 -10.05
CA GLU A 416 -14.04 10.79 -8.81
C GLU A 416 -14.34 9.43 -8.21
N ALA A 417 -15.62 9.11 -8.04
CA ALA A 417 -16.01 7.85 -7.42
C ALA A 417 -15.26 6.67 -8.03
N SER A 418 -15.29 6.54 -9.35
CA SER A 418 -14.60 5.44 -9.99
C SER A 418 -13.14 5.40 -9.58
N GLU A 419 -12.46 6.53 -9.73
CA GLU A 419 -11.07 6.66 -9.35
C GLU A 419 -10.88 6.29 -7.87
N ALA A 420 -11.78 6.78 -7.02
CA ALA A 420 -11.68 6.50 -5.60
C ALA A 420 -11.81 5.02 -5.32
N ARG A 421 -12.60 4.30 -6.12
CA ARG A 421 -12.78 2.87 -5.88
C ARG A 421 -11.47 2.13 -6.00
N ASN A 422 -10.52 2.64 -6.79
CA ASN A 422 -9.21 2.02 -6.83
C ASN A 422 -8.63 1.89 -5.43
N LYS A 423 -8.63 2.98 -4.68
CA LYS A 423 -8.07 2.94 -3.33
C LYS A 423 -8.77 1.91 -2.49
N ASP A 424 -10.04 1.64 -2.77
CA ASP A 424 -10.74 0.62 -2.02
C ASP A 424 -10.47 -0.76 -2.58
N PHE A 425 -10.40 -0.89 -3.90
CA PHE A 425 -10.16 -2.21 -4.49
C PHE A 425 -8.89 -2.83 -3.93
N ARG A 426 -7.79 -2.08 -3.97
CA ARG A 426 -6.57 -2.52 -3.29
C ARG A 426 -6.85 -2.96 -1.86
N ARG A 427 -7.47 -2.07 -1.07
CA ARG A 427 -7.72 -2.39 0.33
C ARG A 427 -8.60 -3.61 0.49
N PHE A 428 -9.29 -4.04 -0.56
CA PHE A 428 -10.08 -5.26 -0.50
C PHE A 428 -9.35 -6.45 -1.07
N ARG A 429 -8.47 -6.23 -2.03
CA ARG A 429 -7.77 -7.35 -2.63
C ARG A 429 -6.68 -7.86 -1.71
N GLU A 430 -6.03 -6.97 -0.98
CA GLU A 430 -4.92 -7.34 -0.13
C GLU A 430 -5.37 -7.77 1.27
N HIS A 431 -6.28 -7.03 1.87
CA HIS A 431 -6.67 -7.24 3.26
C HIS A 431 -7.94 -8.03 3.44
N HIS A 432 -8.75 -8.23 2.40
CA HIS A 432 -10.04 -8.86 2.59
C HIS A 432 -10.35 -10.02 1.68
N SER A 433 -9.46 -10.40 0.79
CA SER A 433 -9.71 -11.59 -0.01
C SER A 433 -9.27 -12.82 0.78
N ARG A 434 -9.63 -13.99 0.27
CA ARG A 434 -9.05 -15.24 0.74
C ARG A 434 -8.12 -15.75 -0.35
N LYS A 435 -6.86 -15.96 0.01
CA LYS A 435 -5.82 -16.08 -1.01
C LYS A 435 -5.65 -17.49 -1.53
N LYS A 436 -6.52 -18.43 -1.15
CA LYS A 436 -6.31 -19.82 -1.53
C LYS A 436 -6.26 -19.97 -3.05
N SER A 437 -7.27 -19.48 -3.74
CA SER A 437 -7.32 -19.59 -5.18
C SER A 437 -7.74 -18.26 -5.78
N ARG A 438 -7.18 -17.94 -6.94
CA ARG A 438 -7.52 -16.68 -7.61
C ARG A 438 -9.02 -16.53 -7.75
N GLN A 439 -9.72 -17.59 -8.13
CA GLN A 439 -11.17 -17.53 -8.23
C GLN A 439 -11.79 -17.13 -6.90
N ALA A 440 -11.28 -17.69 -5.80
CA ALA A 440 -11.81 -17.33 -4.49
C ALA A 440 -11.48 -15.89 -4.16
N SER A 441 -10.27 -15.44 -4.48
CA SER A 441 -9.89 -14.06 -4.20
C SER A 441 -10.79 -13.08 -4.94
N ASN A 442 -11.10 -13.37 -6.20
CA ASN A 442 -11.96 -12.47 -6.97
C ASN A 442 -13.40 -12.54 -6.48
N GLU A 443 -13.87 -13.73 -6.14
CA GLU A 443 -15.20 -13.85 -5.55
C GLU A 443 -15.32 -12.99 -4.31
N ASP A 444 -14.30 -12.99 -3.45
CA ASP A 444 -14.41 -12.21 -2.22
C ASP A 444 -14.19 -10.73 -2.44
N ILE A 445 -13.32 -10.34 -3.38
CA ILE A 445 -13.22 -8.92 -3.71
C ILE A 445 -14.55 -8.40 -4.19
N LEU A 446 -15.24 -9.19 -5.02
CA LEU A 446 -16.54 -8.77 -5.54
C LEU A 446 -17.57 -8.70 -4.43
N ASN A 447 -17.59 -9.69 -3.54
CA ASN A 447 -18.54 -9.64 -2.44
C ASN A 447 -18.27 -8.44 -1.55
N MET A 448 -17.01 -8.08 -1.36
CA MET A 448 -16.70 -6.92 -0.54
C MET A 448 -17.13 -5.63 -1.21
N LEU A 449 -16.90 -5.50 -2.51
CA LEU A 449 -17.38 -4.33 -3.22
C LEU A 449 -18.89 -4.20 -3.07
N ILE A 450 -19.63 -5.27 -3.35
CA ILE A 450 -21.08 -5.24 -3.22
C ILE A 450 -21.48 -4.78 -1.83
N ILE A 451 -20.98 -5.46 -0.79
CA ILE A 451 -21.43 -5.16 0.56
C ILE A 451 -21.07 -3.73 0.95
N SER A 452 -19.86 -3.30 0.62
CA SER A 452 -19.42 -1.96 1.01
C SER A 452 -20.30 -0.91 0.37
N SER A 453 -20.73 -1.13 -0.86
CA SER A 453 -21.52 -0.16 -1.59
C SER A 453 -23.00 -0.46 -1.57
N ASP A 454 -23.51 -1.08 -0.53
CA ASP A 454 -24.94 -1.39 -0.48
C ASP A 454 -25.70 -0.20 0.09
N PRO A 455 -26.59 0.43 -0.68
CA PRO A 455 -27.24 1.65 -0.19
C PRO A 455 -27.92 1.50 1.16
N LEU A 456 -28.58 0.38 1.41
CA LEU A 456 -29.22 0.19 2.71
C LEU A 456 -28.17 0.11 3.81
N ILE A 457 -27.05 -0.53 3.53
CA ILE A 457 -26.00 -0.64 4.54
C ILE A 457 -25.22 0.66 4.67
N SER A 458 -24.76 1.19 3.54
CA SER A 458 -23.94 2.40 3.55
C SER A 458 -24.72 3.64 3.95
N PHE A 459 -26.04 3.58 3.98
CA PHE A 459 -26.82 4.67 4.55
C PHE A 459 -26.68 4.71 6.07
N THR A 460 -27.09 3.62 6.73
CA THR A 460 -26.92 3.50 8.17
C THR A 460 -25.64 2.73 8.51
N ARG A 461 -24.52 3.42 8.29
CA ARG A 461 -23.20 2.91 8.56
C ARG A 461 -22.40 4.12 9.01
N PRO A 462 -21.67 4.04 10.12
CA PRO A 462 -20.98 5.22 10.65
C PRO A 462 -20.03 5.82 9.63
N LYS A 463 -19.95 7.14 9.66
CA LYS A 463 -19.19 7.90 8.68
C LYS A 463 -18.63 9.13 9.36
N LEU A 464 -17.62 9.73 8.75
CA LEU A 464 -16.98 10.92 9.29
C LEU A 464 -17.38 12.15 8.49
N ASP A 465 -17.75 13.21 9.21
CA ASP A 465 -18.14 14.47 8.57
C ASP A 465 -17.34 15.61 9.18
N ALA A 466 -16.32 16.07 8.46
CA ALA A 466 -15.58 17.26 8.83
C ALA A 466 -15.43 18.26 7.68
N HIS A 467 -15.95 17.94 6.49
CA HIS A 467 -15.74 18.76 5.30
C HIS A 467 -16.95 19.59 4.96
N LYS A 468 -17.66 20.11 5.98
CA LYS A 468 -18.99 20.67 5.79
C LYS A 468 -19.11 21.58 4.58
N ARG A 469 -18.30 22.64 4.51
CA ARG A 469 -18.46 23.60 3.42
C ARG A 469 -17.14 24.32 3.16
N GLN A 470 -17.07 24.94 1.98
CA GLN A 470 -16.00 25.85 1.62
C GLN A 470 -16.59 26.99 0.81
N THR A 471 -16.29 28.22 1.20
CA THR A 471 -16.92 29.39 0.59
C THR A 471 -16.48 29.56 -0.86
N TYR A 472 -17.38 30.05 -1.68
CA TYR A 472 -17.13 30.16 -3.11
C TYR A 472 -16.50 31.51 -3.44
N PHE A 473 -15.72 31.51 -4.52
CA PHE A 473 -15.24 32.76 -5.08
C PHE A 473 -16.42 33.58 -5.60
N LYS A 474 -16.29 34.90 -5.53
CA LYS A 474 -17.43 35.77 -5.80
C LYS A 474 -18.03 35.51 -7.17
N GLU A 475 -17.18 35.40 -8.19
CA GLU A 475 -17.69 35.19 -9.54
C GLU A 475 -18.35 33.82 -9.68
N THR A 476 -17.84 32.82 -8.97
CA THR A 476 -18.48 31.50 -9.00
C THR A 476 -19.88 31.57 -8.41
N VAL A 477 -20.05 32.25 -7.28
CA VAL A 477 -21.36 32.32 -6.68
C VAL A 477 -22.29 33.19 -7.52
N GLU A 478 -21.73 34.14 -8.27
CA GLU A 478 -22.55 34.86 -9.24
C GLU A 478 -22.85 34.03 -10.47
N LEU A 479 -22.14 32.91 -10.66
CA LEU A 479 -22.34 32.04 -11.81
C LEU A 479 -23.24 30.85 -11.52
N LEU A 480 -23.31 30.40 -10.27
CA LEU A 480 -24.04 29.20 -9.91
C LEU A 480 -25.52 29.50 -9.74
N GLN A 481 -26.28 28.47 -9.35
CA GLN A 481 -27.68 28.60 -9.00
C GLN A 481 -27.87 27.99 -7.61
N LEU A 482 -28.03 28.86 -6.61
CA LEU A 482 -28.14 28.45 -5.21
C LEU A 482 -29.61 28.30 -4.84
N GLN A 483 -29.96 27.14 -4.27
CA GLN A 483 -31.29 26.93 -3.72
C GLN A 483 -31.15 26.16 -2.41
N ASP A 484 -31.42 26.84 -1.30
CA ASP A 484 -31.43 26.22 0.01
C ASP A 484 -32.16 27.11 1.02
N SER B 5 -16.10 2.74 36.70
CA SER B 5 -16.29 1.30 36.55
C SER B 5 -16.48 0.91 35.10
N THR B 6 -15.42 0.38 34.49
CA THR B 6 -15.44 -0.05 33.10
C THR B 6 -15.20 -1.55 33.03
N ILE B 7 -15.75 -2.18 32.00
CA ILE B 7 -15.56 -3.61 31.84
C ILE B 7 -14.21 -3.95 31.24
N PHE B 8 -13.65 -3.08 30.40
CA PHE B 8 -12.30 -3.27 29.86
C PHE B 8 -11.35 -2.35 30.60
N SER B 9 -10.27 -2.91 31.13
CA SER B 9 -9.24 -2.06 31.67
C SER B 9 -8.59 -1.28 30.53
N PRO B 10 -8.30 0.00 30.73
CA PRO B 10 -7.72 0.81 29.63
C PRO B 10 -6.53 0.16 28.95
N GLU B 11 -5.76 -0.68 29.65
CA GLU B 11 -4.68 -1.38 28.96
C GLU B 11 -5.22 -2.48 28.07
N LYS B 12 -6.30 -3.15 28.50
CA LYS B 12 -6.91 -4.13 27.61
C LYS B 12 -7.58 -3.45 26.44
N ALA B 13 -8.10 -2.23 26.64
CA ALA B 13 -8.62 -1.48 25.52
C ALA B 13 -7.51 -1.08 24.55
N LEU B 14 -6.34 -0.76 25.09
CA LEU B 14 -5.21 -0.45 24.22
C LEU B 14 -4.79 -1.67 23.43
N GLY B 15 -4.81 -2.85 24.05
CA GLY B 15 -4.52 -4.07 23.32
C GLY B 15 -5.55 -4.34 22.23
N LEU B 16 -6.82 -4.07 22.52
CA LEU B 16 -7.87 -4.24 21.52
C LEU B 16 -7.70 -3.25 20.38
N LEU B 17 -7.23 -2.05 20.68
CA LEU B 17 -7.01 -1.05 19.64
C LEU B 17 -5.81 -1.39 18.79
N LEU B 18 -4.82 -2.06 19.37
CA LEU B 18 -3.62 -2.41 18.61
C LEU B 18 -3.84 -3.66 17.78
N SER B 19 -4.58 -4.62 18.31
CA SER B 19 -4.76 -5.89 17.58
C SER B 19 -5.78 -5.76 16.47
N LEU B 20 -6.84 -4.98 16.68
CA LEU B 20 -7.84 -4.74 15.66
C LEU B 20 -7.43 -3.65 14.69
N LYS B 21 -6.34 -2.94 14.96
CA LYS B 21 -5.83 -1.87 14.12
C LYS B 21 -6.85 -0.74 13.98
N LEU B 22 -7.39 -0.30 15.10
CA LEU B 22 -8.37 0.78 15.12
C LEU B 22 -7.70 2.12 15.27
N SER B 23 -8.39 3.16 14.82
CA SER B 23 -7.93 4.53 14.92
C SER B 23 -8.85 5.31 15.85
N LYS B 24 -8.41 6.52 16.21
CA LYS B 24 -9.14 7.29 17.21
C LYS B 24 -10.60 7.43 16.84
N TRP B 25 -10.89 7.75 15.59
CA TRP B 25 -12.29 7.81 15.19
C TRP B 25 -12.93 6.44 15.27
N GLN B 26 -12.23 5.39 14.86
CA GLN B 26 -12.85 4.08 14.83
C GLN B 26 -13.13 3.59 16.24
N TYR B 27 -12.21 3.84 17.17
CA TYR B 27 -12.45 3.44 18.56
C TYR B 27 -13.58 4.25 19.16
N ILE B 28 -13.60 5.57 18.93
CA ILE B 28 -14.66 6.38 19.47
C ILE B 28 -16.00 5.94 18.91
N THR B 29 -16.04 5.57 17.63
CA THR B 29 -17.28 5.10 17.02
C THR B 29 -17.71 3.77 17.62
N LEU B 30 -16.77 2.84 17.81
CA LEU B 30 -17.09 1.60 18.50
C LEU B 30 -17.74 1.89 19.84
N ARG B 31 -17.13 2.80 20.61
CA ARG B 31 -17.62 3.12 21.94
C ARG B 31 -19.03 3.71 21.89
N GLU B 32 -19.22 4.72 21.06
CA GLU B 32 -20.52 5.40 21.02
C GLU B 32 -21.60 4.48 20.45
N THR B 33 -21.27 3.65 19.47
CA THR B 33 -22.28 2.76 18.93
C THR B 33 -22.61 1.63 19.89
N THR B 34 -21.71 1.30 20.82
CA THR B 34 -22.11 0.42 21.91
C THR B 34 -22.97 1.16 22.94
N ILE B 35 -22.69 2.43 23.18
CA ILE B 35 -23.51 3.22 24.11
C ILE B 35 -24.94 3.33 23.60
N ARG B 36 -25.10 3.61 22.30
CA ARG B 36 -26.43 3.90 21.76
C ARG B 36 -27.41 2.76 21.92
N GLU B 37 -26.93 1.54 22.13
CA GLU B 37 -27.81 0.39 22.17
C GLU B 37 -28.31 0.05 23.57
N GLY B 38 -27.62 0.50 24.61
CA GLY B 38 -28.08 0.27 25.97
C GLY B 38 -27.11 -0.41 26.90
N SER B 39 -25.90 -0.71 26.46
CA SER B 39 -24.86 -1.25 27.34
C SER B 39 -23.82 -0.14 27.54
N LYS B 40 -23.92 0.55 28.67
CA LYS B 40 -23.07 1.72 28.88
C LYS B 40 -21.60 1.33 29.01
N GLU B 41 -21.26 0.56 30.03
CA GLU B 41 -19.86 0.28 30.31
C GLU B 41 -19.44 -0.94 29.51
N ILE B 42 -18.92 -0.72 28.30
CA ILE B 42 -18.22 -1.79 27.60
C ILE B 42 -16.82 -1.39 27.16
N TYR B 43 -16.49 -0.11 27.06
CA TYR B 43 -15.15 0.27 26.66
C TYR B 43 -14.81 1.56 27.37
N PRO B 44 -13.56 1.74 27.77
CA PRO B 44 -13.19 3.00 28.41
C PRO B 44 -13.27 4.13 27.42
N SER B 45 -13.48 5.33 27.93
CA SER B 45 -13.45 6.51 27.07
C SER B 45 -12.08 6.64 26.43
N TYR B 46 -12.06 7.09 25.18
CA TYR B 46 -10.78 7.20 24.50
C TYR B 46 -9.80 8.05 25.28
N TYR B 47 -10.29 8.92 26.15
CA TYR B 47 -9.39 9.64 27.05
C TYR B 47 -8.58 8.66 27.87
N LYS B 48 -9.21 7.59 28.36
CA LYS B 48 -8.49 6.62 29.17
C LYS B 48 -7.42 5.90 28.36
N VAL B 49 -7.70 5.59 27.10
CA VAL B 49 -6.69 4.92 26.27
C VAL B 49 -5.55 5.87 25.95
N GLN B 50 -5.87 7.13 25.68
CA GLN B 50 -4.83 8.12 25.48
C GLN B 50 -4.02 8.33 26.74
N LYS B 51 -4.58 8.01 27.90
CA LYS B 51 -3.84 8.09 29.16
C LYS B 51 -3.03 6.82 29.41
N ALA B 52 -3.51 5.68 28.93
CA ALA B 52 -2.80 4.42 29.11
C ALA B 52 -1.69 4.23 28.08
N LYS B 53 -1.74 4.96 26.99
CA LYS B 53 -0.60 5.01 26.08
C LYS B 53 0.61 5.61 26.75
N LEU B 54 0.44 6.37 27.82
CA LEU B 54 1.56 7.09 28.41
C LEU B 54 2.43 6.21 29.28
N GLN B 55 1.88 5.14 29.85
CA GLN B 55 2.70 4.22 30.63
C GLN B 55 3.79 3.61 29.76
N CYS B 56 3.54 3.48 28.47
CA CYS B 56 4.48 2.86 27.54
C CYS B 56 5.52 3.85 27.02
N TYR B 57 5.39 5.12 27.33
CA TYR B 57 6.42 5.91 26.65
C TYR B 57 7.62 6.08 27.55
N PRO B 58 8.83 6.14 27.00
CA PRO B 58 9.95 6.69 27.73
C PRO B 58 9.68 8.16 28.01
N PRO B 59 10.30 8.73 29.04
CA PRO B 59 10.04 10.14 29.36
C PRO B 59 10.32 11.05 28.19
N LYS B 60 9.66 12.21 28.18
CA LYS B 60 9.75 13.11 27.04
C LYS B 60 11.17 13.66 26.88
N ALA B 61 11.95 13.73 27.96
CA ALA B 61 13.28 14.28 27.88
C ALA B 61 14.25 13.37 27.14
N PHE B 62 13.94 12.09 27.00
CA PHE B 62 14.86 11.16 26.37
C PHE B 62 14.60 10.98 24.88
N VAL B 63 13.40 11.31 24.41
CA VAL B 63 13.03 11.14 23.01
C VAL B 63 13.18 12.47 22.27
N ALA B 64 13.93 12.46 21.18
CA ALA B 64 14.22 13.65 20.39
C ALA B 64 13.58 13.48 19.02
N VAL B 65 12.47 14.18 18.80
CA VAL B 65 11.73 14.09 17.55
C VAL B 65 11.80 15.43 16.84
N THR B 66 12.14 15.40 15.56
CA THR B 66 12.27 16.57 14.72
C THR B 66 11.65 16.25 13.37
N ASP B 67 11.75 17.20 12.44
CA ASP B 67 11.11 17.02 11.15
C ASP B 67 11.66 15.81 10.40
N SER B 68 12.99 15.65 10.39
CA SER B 68 13.59 14.66 9.51
C SER B 68 14.05 13.39 10.21
N SER B 69 13.72 13.19 11.49
CA SER B 69 14.14 12.00 12.21
C SER B 69 13.34 11.89 13.49
N ALA B 70 13.55 10.78 14.19
CA ALA B 70 13.07 10.63 15.56
C ALA B 70 13.93 9.58 16.23
N LYS B 71 14.56 9.93 17.36
CA LYS B 71 15.45 9.01 18.05
C LYS B 71 15.08 8.93 19.51
N ILE B 72 15.48 7.83 20.15
CA ILE B 72 15.32 7.64 21.58
C ILE B 72 16.68 7.24 22.14
N ALA B 73 17.03 7.78 23.30
CA ALA B 73 18.28 7.42 23.94
C ALA B 73 18.24 5.94 24.30
N LEU B 74 19.24 5.18 23.83
CA LEU B 74 19.21 3.73 23.98
C LEU B 74 19.08 3.32 25.44
N GLN B 75 19.75 4.04 26.33
CA GLN B 75 19.65 3.71 27.75
C GLN B 75 18.21 3.82 28.24
N ALA B 76 17.52 4.88 27.85
CA ALA B 76 16.14 5.07 28.30
C ALA B 76 15.23 4.01 27.71
N LEU B 77 15.42 3.70 26.44
CA LEU B 77 14.62 2.66 25.81
C LEU B 77 14.78 1.33 26.51
N LEU B 78 16.02 0.99 26.89
CA LEU B 78 16.26 -0.29 27.55
C LEU B 78 15.71 -0.30 28.98
N ASP B 79 15.88 0.81 29.70
CA ASP B 79 15.24 0.97 31.00
C ASP B 79 13.75 0.65 30.90
N LEU B 80 13.07 1.30 29.95
CA LEU B 80 11.63 1.10 29.82
C LEU B 80 11.31 -0.33 29.41
N THR B 81 12.06 -0.87 28.46
CA THR B 81 11.79 -2.22 27.99
C THR B 81 11.85 -3.22 29.12
N VAL B 82 12.86 -3.11 29.98
CA VAL B 82 12.96 -4.03 31.10
C VAL B 82 11.86 -3.77 32.13
N ASN B 83 11.55 -2.50 32.40
CA ASN B 83 10.50 -2.20 33.36
C ASN B 83 9.17 -2.77 32.92
N ARG B 84 8.95 -2.84 31.60
CA ARG B 84 7.74 -3.48 31.10
C ARG B 84 7.84 -4.99 31.17
N ILE B 85 8.99 -5.56 30.80
CA ILE B 85 9.13 -7.02 30.79
C ILE B 85 8.87 -7.58 32.17
N PHE B 86 9.32 -6.88 33.21
CA PHE B 86 9.08 -7.39 34.56
C PHE B 86 7.60 -7.37 34.96
N GLU B 87 6.75 -6.68 34.21
CA GLU B 87 5.33 -6.84 34.46
C GLU B 87 4.74 -8.01 33.70
N THR B 88 5.58 -8.80 33.02
CA THR B 88 5.15 -10.01 32.35
C THR B 88 5.57 -11.26 33.11
N ILE B 89 6.65 -11.18 33.89
CA ILE B 89 7.19 -12.35 34.57
C ILE B 89 6.14 -12.93 35.50
N ARG B 90 6.02 -14.26 35.50
CA ARG B 90 5.01 -14.93 36.30
C ARG B 90 5.10 -14.52 37.76
N SER B 91 6.28 -14.67 38.36
CA SER B 91 6.50 -14.27 39.75
C SER B 91 7.89 -13.67 39.85
N PRO B 92 8.02 -12.35 39.62
CA PRO B 92 9.34 -11.72 39.76
C PRO B 92 9.92 -11.86 41.15
N ASP B 93 9.10 -12.16 42.14
CA ASP B 93 9.63 -12.48 43.46
C ASP B 93 10.35 -13.83 43.47
N ALA B 94 9.89 -14.77 42.64
CA ALA B 94 10.42 -16.13 42.70
C ALA B 94 11.90 -16.18 42.41
N ILE B 95 12.39 -15.38 41.46
CA ILE B 95 13.81 -15.40 41.14
C ILE B 95 14.58 -14.79 42.30
N GLN B 96 15.65 -15.47 42.69
CA GLN B 96 16.42 -15.08 43.86
C GLN B 96 17.47 -14.04 43.48
N ASN B 97 18.23 -13.59 44.48
CA ASN B 97 19.18 -12.50 44.32
C ASN B 97 20.40 -13.02 43.58
N LYS B 98 20.22 -13.24 42.27
CA LYS B 98 21.31 -13.55 41.37
C LYS B 98 21.26 -12.59 40.20
N GLN B 99 22.44 -12.11 39.81
CA GLN B 99 22.52 -11.05 38.82
C GLN B 99 21.79 -11.43 37.53
N LEU B 100 21.19 -10.45 36.90
CA LEU B 100 20.37 -10.66 35.71
C LEU B 100 21.03 -10.02 34.50
N ILE B 101 20.88 -10.66 33.35
CA ILE B 101 21.44 -10.13 32.10
C ILE B 101 20.41 -10.34 31.00
N LEU B 102 19.99 -9.24 30.37
CA LEU B 102 19.03 -9.29 29.28
C LEU B 102 19.80 -9.30 27.97
N ILE B 103 19.64 -10.37 27.20
CA ILE B 103 20.25 -10.46 25.89
C ILE B 103 19.24 -10.02 24.85
N SER B 104 19.66 -9.06 24.02
CA SER B 104 18.80 -8.50 22.98
C SER B 104 19.62 -8.36 21.71
N LYS B 105 18.93 -8.22 20.59
CA LYS B 105 19.60 -8.05 19.32
C LYS B 105 19.07 -6.81 18.62
N TRP B 106 19.98 -6.06 18.03
CA TRP B 106 19.64 -4.79 17.42
C TRP B 106 20.24 -4.72 16.03
N GLY B 107 19.78 -3.76 15.24
CA GLY B 107 20.30 -3.65 13.88
C GLY B 107 19.42 -2.74 13.05
N PHE B 108 20.00 -2.24 11.96
CA PHE B 108 19.31 -1.27 11.14
C PHE B 108 19.13 -1.76 9.71
N ASP B 109 18.12 -1.21 9.05
CA ASP B 109 17.85 -1.48 7.65
C ASP B 109 17.09 -0.29 7.07
N GLY B 110 17.06 -0.21 5.75
CA GLY B 110 16.43 0.89 5.04
C GLY B 110 15.17 0.46 4.33
N ALA B 111 14.10 1.21 4.58
CA ALA B 111 12.78 0.96 3.99
C ALA B 111 12.53 2.00 2.92
N SER B 112 12.56 1.60 1.67
CA SER B 112 12.40 2.49 0.54
C SER B 112 10.96 2.45 0.04
N ASN B 113 10.68 3.28 -0.97
CA ASN B 113 9.35 3.36 -1.58
C ASN B 113 8.34 3.87 -0.54
N GLN B 114 8.73 4.95 0.15
CA GLN B 114 7.84 5.62 1.07
C GLN B 114 6.97 6.61 0.32
N SER B 115 5.75 6.79 0.81
CA SER B 115 4.87 7.79 0.21
C SER B 115 5.44 9.17 0.49
N ARG B 116 5.62 9.96 -0.56
CA ARG B 116 6.27 11.26 -0.44
C ARG B 116 5.22 12.34 -0.25
N TYR B 117 5.09 12.82 0.98
CA TYR B 117 4.18 13.93 1.25
C TYR B 117 4.64 15.17 0.51
N LYS B 118 3.74 16.12 0.32
CA LYS B 118 4.08 17.42 -0.22
C LYS B 118 3.93 18.43 0.91
N GLN B 119 5.02 18.66 1.64
CA GLN B 119 4.96 19.46 2.86
C GLN B 119 6.38 19.61 3.37
N ASN B 120 6.62 20.64 4.16
CA ASN B 120 7.79 20.74 5.04
C ASN B 120 9.09 20.45 4.26
N ILE B 121 9.40 21.35 3.36
CA ILE B 121 10.53 21.28 2.45
C ILE B 121 11.88 21.14 3.16
N GLU B 122 11.76 20.97 4.48
CA GLU B 122 12.82 20.78 5.47
C GLU B 122 14.25 21.16 5.13
N SER B 123 15.15 20.19 5.27
CA SER B 123 16.55 20.40 5.01
C SER B 123 17.22 19.16 4.44
N GLY B 124 16.77 17.97 4.83
CA GLY B 124 17.41 16.79 4.30
C GLY B 124 16.56 15.83 3.49
N GLN B 125 17.00 15.57 2.26
CA GLN B 125 16.64 14.40 1.45
C GLN B 125 15.14 14.25 1.25
N GLY B 126 14.36 15.26 1.59
CA GLY B 126 12.92 15.05 1.68
C GLY B 126 12.61 13.80 2.46
N ASP B 127 11.57 13.09 2.05
CA ASP B 127 11.27 11.77 2.57
C ASP B 127 10.91 10.86 1.40
N SER B 128 11.84 10.00 1.01
CA SER B 128 11.52 8.93 0.08
C SER B 128 11.77 7.55 0.66
N SER B 129 12.64 7.45 1.67
CA SER B 129 13.05 6.19 2.24
C SER B 129 13.64 6.45 3.61
N ILE B 130 13.38 5.55 4.55
CA ILE B 130 13.87 5.71 5.90
C ILE B 130 14.98 4.71 6.15
N PHE B 131 15.75 4.96 7.19
CA PHE B 131 16.80 4.03 7.61
C PHE B 131 16.72 3.95 9.12
N MET B 132 16.27 2.82 9.65
CA MET B 132 15.91 2.73 11.06
C MET B 132 16.62 1.57 11.73
N THR B 133 16.87 1.74 13.04
CA THR B 133 17.48 0.73 13.88
C THR B 133 16.43 0.19 14.85
N SER B 134 16.47 -1.12 15.06
CA SER B 134 15.48 -1.85 15.82
C SER B 134 16.20 -2.67 16.88
N LEU B 135 15.59 -2.80 18.05
CA LEU B 135 16.19 -3.53 19.16
C LEU B 135 15.13 -4.44 19.74
N VAL B 136 15.24 -5.74 19.52
CA VAL B 136 14.27 -6.71 19.99
C VAL B 136 14.90 -7.52 21.11
N PRO B 137 14.25 -7.60 22.28
CA PRO B 137 14.79 -8.39 23.40
C PRO B 137 14.55 -9.86 23.17
N LEU B 138 15.63 -10.65 23.20
CA LEU B 138 15.54 -12.07 22.93
C LEU B 138 15.29 -12.88 24.18
N LYS B 139 16.05 -12.63 25.25
CA LYS B 139 15.95 -13.51 26.40
C LYS B 139 16.42 -12.78 27.64
N LEU B 140 15.95 -13.25 28.79
CA LEU B 140 16.36 -12.73 30.08
C LEU B 140 17.00 -13.87 30.86
N THR B 141 18.27 -13.73 31.17
CA THR B 141 19.09 -14.80 31.72
C THR B 141 19.38 -14.47 33.18
N ALA B 142 19.04 -15.39 34.06
CA ALA B 142 19.38 -15.29 35.48
C ALA B 142 20.46 -16.33 35.74
N ASP B 143 21.71 -15.89 35.67
CA ASP B 143 22.86 -16.76 35.90
C ASP B 143 22.79 -18.02 35.04
N GLY B 144 22.26 -17.86 33.83
CA GLY B 144 22.12 -18.96 32.89
C GLY B 144 20.72 -19.50 32.76
N ASP B 145 19.92 -19.46 33.82
CA ASP B 145 18.58 -20.02 33.84
C ASP B 145 17.60 -19.00 33.28
N THR B 146 16.94 -19.35 32.18
CA THR B 146 16.07 -18.43 31.48
C THR B 146 14.81 -18.17 32.28
N VAL B 147 14.55 -16.91 32.59
CA VAL B 147 13.33 -16.52 33.29
C VAL B 147 12.28 -16.00 32.32
N TRP B 148 12.68 -15.32 31.26
CA TRP B 148 11.77 -14.81 30.25
C TRP B 148 12.36 -15.06 28.87
N VAL B 149 11.54 -15.57 27.96
CA VAL B 149 11.98 -15.84 26.59
C VAL B 149 10.94 -15.26 25.64
N ASN B 150 11.42 -14.67 24.56
CA ASN B 150 10.56 -14.08 23.55
C ASN B 150 9.91 -15.19 22.75
N PRO B 151 8.60 -15.41 22.91
CA PRO B 151 8.00 -16.62 22.32
C PRO B 151 8.12 -16.69 20.82
N LYS B 152 8.25 -15.55 20.14
CA LYS B 152 8.38 -15.51 18.69
C LYS B 152 9.52 -14.56 18.35
N PRO B 153 10.76 -15.03 18.42
CA PRO B 153 11.90 -14.11 18.33
C PRO B 153 12.03 -13.40 17.01
N CYS B 154 11.35 -13.83 15.96
CA CYS B 154 11.39 -13.12 14.71
C CYS B 154 10.13 -12.31 14.45
N SER B 155 9.22 -12.23 15.42
CA SER B 155 7.98 -11.49 15.23
C SER B 155 8.24 -9.99 15.36
N PRO B 156 7.47 -9.16 14.65
CA PRO B 156 7.58 -7.72 14.84
C PRO B 156 6.82 -7.19 16.03
N MET B 157 6.17 -8.05 16.83
CA MET B 157 5.34 -7.58 17.92
C MET B 157 6.17 -7.17 19.13
N TYR B 158 7.45 -7.58 19.19
CA TYR B 158 8.33 -7.20 20.28
C TYR B 158 9.47 -6.30 19.84
N CYS B 159 9.59 -6.05 18.55
CA CYS B 159 10.72 -5.29 18.02
C CYS B 159 10.59 -3.79 18.31
N ARG B 160 11.41 -3.29 19.22
CA ARG B 160 11.44 -1.89 19.66
C ARG B 160 12.27 -1.05 18.69
N PRO B 161 11.78 0.11 18.31
CA PRO B 161 12.58 1.02 17.49
C PRO B 161 13.43 1.93 18.35
N VAL B 162 14.66 2.17 17.91
CA VAL B 162 15.54 3.12 18.56
C VAL B 162 15.49 4.46 17.87
N GLN B 163 15.71 4.49 16.56
CA GLN B 163 15.71 5.75 15.83
C GLN B 163 15.37 5.48 14.38
N PHE B 164 14.67 6.42 13.77
CA PHE B 164 14.38 6.32 12.35
C PHE B 164 14.44 7.69 11.71
N SER B 165 15.12 7.79 10.57
CA SER B 165 15.37 9.06 9.91
C SER B 165 15.18 8.90 8.42
N PHE B 166 14.70 9.96 7.78
CA PHE B 166 14.36 9.90 6.35
C PHE B 166 15.59 10.21 5.51
N VAL B 167 16.57 9.32 5.58
CA VAL B 167 17.81 9.44 4.84
C VAL B 167 18.08 8.11 4.13
N LYS B 168 18.39 8.19 2.84
CA LYS B 168 18.72 6.99 2.07
C LYS B 168 19.97 6.32 2.63
N GLU B 169 19.88 5.02 2.90
CA GLU B 169 20.99 4.32 3.53
C GLU B 169 22.18 4.23 2.57
N THR B 170 23.30 4.81 2.97
CA THR B 170 24.54 4.78 2.23
C THR B 170 25.67 4.41 3.17
N LYS B 171 26.88 4.23 2.61
CA LYS B 171 28.00 3.78 3.42
C LYS B 171 28.25 4.69 4.61
N ASP B 172 28.16 6.00 4.41
CA ASP B 172 28.51 6.93 5.47
C ASP B 172 27.45 6.98 6.57
N VAL B 173 26.17 7.01 6.19
CA VAL B 173 25.16 7.04 7.23
C VAL B 173 25.18 5.75 8.02
N VAL B 174 25.49 4.63 7.36
CA VAL B 174 25.56 3.35 8.06
C VAL B 174 26.73 3.35 9.04
N ILE B 175 27.90 3.79 8.58
CA ILE B 175 29.06 3.83 9.47
C ILE B 175 28.80 4.75 10.65
N ASN B 176 28.21 5.91 10.41
CA ASN B 176 27.97 6.86 11.48
C ASN B 176 26.96 6.34 12.49
N GLU B 177 25.89 5.70 11.99
CA GLU B 177 24.91 5.13 12.90
C GLU B 177 25.49 4.00 13.72
N LYS B 178 26.35 3.17 13.11
CA LYS B 178 26.98 2.09 13.84
C LYS B 178 27.90 2.64 14.92
N THR B 179 28.66 3.69 14.60
CA THR B 179 29.52 4.30 15.61
C THR B 179 28.70 4.88 16.74
N ALA B 180 27.60 5.55 16.42
CA ALA B 180 26.74 6.12 17.46
C ALA B 180 26.19 5.02 18.36
N MET B 181 25.72 3.93 17.78
CA MET B 181 25.17 2.85 18.59
C MET B 181 26.25 2.17 19.42
N ASP B 182 27.47 2.05 18.89
CA ASP B 182 28.54 1.45 19.68
C ASP B 182 28.90 2.33 20.87
N ASP B 183 28.95 3.64 20.67
CA ASP B 183 29.21 4.53 21.80
C ASP B 183 28.09 4.45 22.82
N GLU B 184 26.84 4.43 22.35
CA GLU B 184 25.72 4.36 23.27
C GLU B 184 25.68 3.02 24.01
N ILE B 185 26.20 1.96 23.38
CA ILE B 185 26.20 0.65 24.03
C ILE B 185 27.33 0.57 25.05
N GLU B 186 28.50 1.10 24.72
CA GLU B 186 29.56 1.18 25.70
C GLU B 186 29.12 1.98 26.92
N ALA B 187 28.47 3.12 26.69
CA ALA B 187 28.23 4.06 27.77
C ALA B 187 27.04 3.70 28.65
N LEU B 188 26.38 2.58 28.44
CA LEU B 188 25.18 2.31 29.20
C LEU B 188 25.48 1.45 30.44
N VAL B 189 24.70 1.69 31.49
CA VAL B 189 24.85 1.04 32.79
C VAL B 189 23.74 0.00 32.88
N PRO B 190 23.85 -1.03 33.73
CA PRO B 190 22.71 -1.90 33.96
C PRO B 190 21.51 -1.14 34.50
N SER B 191 20.33 -1.49 34.00
CA SER B 191 19.08 -0.95 34.48
C SER B 191 18.75 -1.50 35.87
N LYS B 192 17.79 -0.87 36.54
CA LYS B 192 17.33 -1.32 37.83
C LYS B 192 15.81 -1.39 37.83
N CYS B 193 15.26 -2.57 38.12
CA CYS B 193 13.82 -2.75 38.25
C CYS B 193 13.56 -3.50 39.55
N GLN B 194 12.80 -2.88 40.45
CA GLN B 194 12.42 -3.45 41.75
C GLN B 194 13.60 -4.15 42.43
N GLY B 195 14.70 -3.42 42.54
CA GLY B 195 15.87 -3.90 43.24
C GLY B 195 16.73 -4.86 42.47
N HIS B 196 16.21 -5.49 41.42
CA HIS B 196 17.00 -6.36 40.57
C HIS B 196 17.65 -5.53 39.48
N GLU B 197 18.96 -5.63 39.38
CA GLU B 197 19.71 -4.93 38.34
C GLU B 197 19.84 -5.88 37.15
N ILE B 198 19.75 -5.31 35.95
CA ILE B 198 19.83 -6.08 34.70
C ILE B 198 20.90 -5.46 33.83
N SER B 199 21.96 -6.22 33.56
CA SER B 199 22.98 -5.80 32.62
C SER B 199 22.55 -6.19 31.22
N HIS B 200 22.78 -5.31 30.25
CA HIS B 200 22.31 -5.53 28.90
C HIS B 200 23.43 -6.05 28.02
N LYS B 201 23.16 -7.14 27.30
CA LYS B 201 24.06 -7.67 26.29
C LYS B 201 23.37 -7.54 24.95
N LEU B 202 23.88 -6.63 24.11
CA LEU B 202 23.27 -6.32 22.83
C LEU B 202 24.14 -6.84 21.70
N MET B 203 23.56 -7.68 20.84
CA MET B 203 24.25 -8.22 19.68
C MET B 203 23.61 -7.67 18.41
N MET B 204 24.44 -7.11 17.54
CA MET B 204 23.94 -6.54 16.28
C MET B 204 23.89 -7.64 15.22
N THR B 205 22.81 -8.41 15.24
CA THR B 205 22.65 -9.50 14.29
C THR B 205 21.43 -9.36 13.40
N MET B 206 20.61 -8.33 13.58
CA MET B 206 19.54 -8.03 12.63
C MET B 206 20.18 -7.14 11.57
N ILE B 207 20.77 -7.78 10.55
CA ILE B 207 21.62 -7.06 9.62
C ILE B 207 21.66 -7.86 8.33
N ASP B 208 21.92 -7.17 7.22
CA ASP B 208 21.97 -7.84 5.94
C ASP B 208 23.31 -7.60 5.26
N GLY B 209 23.57 -8.38 4.20
CA GLY B 209 24.90 -8.45 3.65
C GLY B 209 25.47 -7.11 3.21
N LYS B 210 24.61 -6.22 2.73
CA LYS B 210 25.08 -4.90 2.30
C LYS B 210 25.64 -4.13 3.49
N ILE B 211 24.83 -3.99 4.54
CA ILE B 211 25.29 -3.32 5.74
C ILE B 211 26.49 -4.03 6.34
N CYS B 212 26.50 -5.36 6.24
CA CYS B 212 27.60 -6.11 6.82
C CYS B 212 28.91 -5.84 6.11
N THR B 213 28.88 -5.78 4.78
CA THR B 213 30.10 -5.44 4.05
C THR B 213 30.47 -3.99 4.24
N TYR B 214 29.48 -3.13 4.51
CA TYR B 214 29.79 -1.76 4.90
C TYR B 214 30.61 -1.73 6.18
N LEU B 215 30.18 -2.49 7.19
CA LEU B 215 30.77 -2.37 8.52
C LEU B 215 32.17 -2.95 8.57
N SER B 216 32.34 -4.17 8.07
CA SER B 216 33.64 -4.80 8.10
C SER B 216 34.65 -3.98 7.29
N GLU B 217 35.93 -4.34 7.42
CA GLU B 217 36.94 -3.73 6.55
C GLU B 217 37.04 -4.62 5.32
N ALA B 218 36.18 -4.33 4.34
CA ALA B 218 36.12 -5.05 3.08
C ALA B 218 35.45 -4.12 2.09
N LYS B 219 36.02 -3.99 0.89
CA LYS B 219 35.62 -2.89 0.04
C LYS B 219 34.45 -3.24 -0.87
N SER B 220 34.48 -4.41 -1.50
CA SER B 220 33.45 -4.79 -2.44
C SER B 220 32.60 -5.92 -1.88
N ASN B 221 31.40 -6.06 -2.45
CA ASN B 221 30.50 -7.14 -2.06
C ASN B 221 30.91 -8.49 -2.63
N ALA B 222 31.85 -8.52 -3.58
CA ALA B 222 32.25 -9.79 -4.16
C ALA B 222 33.03 -10.63 -3.17
N ALA B 223 33.65 -9.99 -2.18
CA ALA B 223 34.46 -10.71 -1.22
C ALA B 223 33.78 -10.90 0.14
N CYS B 224 34.06 -12.03 0.77
CA CYS B 224 33.50 -12.33 2.08
C CYS B 224 34.04 -11.32 3.08
N TYR B 225 33.19 -10.87 3.99
CA TYR B 225 33.61 -9.89 4.99
C TYR B 225 34.36 -10.52 6.15
N LEU B 226 34.34 -11.86 6.21
CA LEU B 226 35.04 -12.56 7.29
C LEU B 226 36.43 -12.99 6.84
N CYS B 227 36.57 -13.34 5.56
CA CYS B 227 37.85 -13.80 5.06
C CYS B 227 38.54 -12.90 4.04
N LEU B 228 37.91 -11.77 3.69
CA LEU B 228 38.48 -10.83 2.72
C LEU B 228 38.91 -11.54 1.44
N ALA B 229 38.26 -12.65 1.14
CA ALA B 229 38.66 -13.51 0.03
C ALA B 229 38.05 -13.00 -1.26
N LYS B 230 38.90 -12.82 -2.27
CA LYS B 230 38.45 -12.37 -3.58
C LYS B 230 37.58 -13.44 -4.23
N PRO B 231 36.70 -13.04 -5.17
CA PRO B 231 35.68 -13.98 -5.67
C PRO B 231 36.23 -15.27 -6.26
N THR B 232 37.29 -15.19 -7.06
CA THR B 232 37.85 -16.42 -7.63
C THR B 232 38.68 -17.19 -6.64
N GLU B 233 39.04 -16.59 -5.51
CA GLU B 233 39.82 -17.28 -4.49
C GLU B 233 38.97 -18.28 -3.73
N MET B 234 37.64 -18.11 -3.74
CA MET B 234 36.74 -18.92 -2.92
C MET B 234 36.38 -20.26 -3.53
N SER B 235 36.98 -20.64 -4.66
CA SER B 235 36.71 -21.96 -5.22
C SER B 235 37.38 -23.04 -4.39
N LYS B 236 38.71 -22.99 -4.28
CA LYS B 236 39.46 -23.97 -3.54
C LYS B 236 39.34 -23.68 -2.04
N LEU B 237 39.49 -24.74 -1.24
CA LEU B 237 39.11 -24.67 0.17
C LEU B 237 40.28 -24.47 1.14
N ASP B 238 41.46 -24.99 0.85
CA ASP B 238 42.55 -24.94 1.82
C ASP B 238 43.05 -23.52 2.05
N VAL B 239 43.17 -22.74 0.98
CA VAL B 239 43.54 -21.33 1.12
C VAL B 239 42.52 -20.62 1.99
N ILE B 240 41.27 -21.06 1.96
CA ILE B 240 40.26 -20.44 2.81
C ILE B 240 40.39 -20.90 4.24
N ALA B 241 40.65 -22.19 4.46
CA ALA B 241 40.78 -22.70 5.82
C ALA B 241 42.00 -22.10 6.51
N SER B 242 43.01 -21.68 5.75
CA SER B 242 44.17 -21.05 6.37
C SER B 242 44.01 -19.55 6.53
N LYS B 243 42.87 -19.00 6.15
CA LYS B 243 42.67 -17.56 6.22
C LYS B 243 42.53 -17.11 7.67
N THR B 244 42.89 -15.86 7.91
CA THR B 244 42.74 -15.24 9.23
C THR B 244 41.56 -14.29 9.22
N ILE B 245 40.62 -14.51 10.12
CA ILE B 245 39.38 -13.74 10.19
C ILE B 245 39.69 -12.34 10.66
N SER B 246 38.86 -11.39 10.26
CA SER B 246 38.91 -10.07 10.85
C SER B 246 38.29 -10.09 12.23
N SER B 247 38.56 -9.05 13.02
CA SER B 247 38.26 -9.07 14.44
C SER B 247 36.83 -8.64 14.73
N GLY B 248 36.19 -9.35 15.65
CA GLY B 248 34.86 -8.98 16.11
C GLY B 248 33.78 -9.08 15.06
N VAL B 249 34.05 -9.72 13.93
CA VAL B 249 33.09 -9.74 12.84
C VAL B 249 32.05 -10.84 13.00
N TYR B 250 32.33 -11.87 13.79
CA TYR B 250 31.29 -12.85 14.11
C TYR B 250 30.09 -12.19 14.76
N GLU B 251 30.26 -10.99 15.33
CA GLU B 251 29.13 -10.26 15.87
C GLU B 251 28.09 -9.98 14.79
N PHE B 252 28.51 -9.91 13.53
CA PHE B 252 27.57 -9.78 12.43
C PHE B 252 27.00 -11.16 12.17
N GLY B 253 26.09 -11.57 13.04
CA GLY B 253 25.52 -12.90 12.98
C GLY B 253 25.04 -13.31 11.61
N LEU B 254 25.07 -14.60 11.33
CA LEU B 254 24.64 -15.09 10.03
C LEU B 254 23.21 -14.68 9.76
N SER B 255 23.01 -13.85 8.74
CA SER B 255 21.68 -13.38 8.42
C SER B 255 20.87 -14.52 7.82
N THR B 256 19.83 -14.95 8.53
CA THR B 256 19.11 -16.16 8.14
C THR B 256 18.11 -15.88 7.02
N LEU B 257 17.50 -14.70 7.03
CA LEU B 257 16.54 -14.37 5.99
C LEU B 257 17.21 -14.30 4.63
N HIS B 258 18.20 -13.41 4.49
CA HIS B 258 18.80 -13.18 3.19
C HIS B 258 19.59 -14.37 2.71
N ALA B 259 19.96 -15.27 3.62
CA ALA B 259 20.63 -16.51 3.20
C ALA B 259 19.74 -17.33 2.27
N ARG B 260 18.47 -17.50 2.63
CA ARG B 260 17.54 -18.23 1.78
C ARG B 260 17.55 -17.66 0.37
N ILE B 261 17.25 -16.37 0.24
CA ILE B 261 17.09 -15.75 -1.07
C ILE B 261 18.39 -15.77 -1.85
N ASN B 262 19.51 -15.50 -1.18
CA ASN B 262 20.75 -15.36 -1.92
C ASN B 262 21.31 -16.71 -2.35
N VAL B 263 21.18 -17.74 -1.51
CA VAL B 263 21.60 -19.07 -1.98
C VAL B 263 20.65 -19.56 -3.05
N MET B 264 19.37 -19.17 -2.99
CA MET B 264 18.46 -19.46 -4.08
C MET B 264 18.97 -18.83 -5.37
N GLU B 265 19.36 -17.56 -5.30
CA GLU B 265 19.88 -16.88 -6.49
C GLU B 265 21.17 -17.48 -6.97
N CYS B 266 21.99 -18.04 -6.07
CA CYS B 266 23.21 -18.71 -6.49
C CYS B 266 22.90 -19.98 -7.26
N LEU B 267 22.02 -20.83 -6.71
CA LEU B 267 21.62 -22.02 -7.45
C LEU B 267 20.99 -21.66 -8.79
N LEU B 268 20.19 -20.60 -8.81
CA LEU B 268 19.63 -20.14 -10.09
C LEU B 268 20.73 -19.77 -11.06
N HIS B 269 21.59 -18.82 -10.68
CA HIS B 269 22.64 -18.37 -11.59
C HIS B 269 23.54 -19.50 -12.03
N ILE B 270 23.58 -20.60 -11.30
CA ILE B 270 24.21 -21.79 -11.86
C ILE B 270 23.31 -22.43 -12.90
N ALA B 271 22.00 -22.43 -12.66
CA ALA B 271 21.09 -23.06 -13.62
C ALA B 271 21.07 -22.32 -14.95
N TYR B 272 21.11 -20.99 -14.90
CA TYR B 272 20.99 -20.19 -16.12
C TYR B 272 22.14 -20.47 -17.07
N ARG B 273 23.36 -20.60 -16.55
CA ARG B 273 24.54 -20.75 -17.38
C ARG B 273 24.94 -22.22 -17.54
N LEU B 274 23.99 -23.14 -17.40
CA LEU B 274 24.32 -24.55 -17.55
C LEU B 274 24.66 -24.92 -18.97
N ASP B 275 24.46 -24.02 -19.93
CA ASP B 275 24.71 -24.39 -21.31
C ASP B 275 26.14 -24.07 -21.74
N PHE B 276 26.80 -23.10 -21.09
CA PHE B 276 28.18 -22.78 -21.41
C PHE B 276 29.13 -22.87 -20.24
N LYS B 277 28.62 -22.97 -19.01
CA LYS B 277 29.41 -23.36 -17.84
C LYS B 277 30.63 -22.45 -17.62
N LYS B 278 30.36 -21.17 -17.43
CA LYS B 278 31.38 -20.22 -17.02
C LYS B 278 30.77 -19.17 -16.12
N TRP B 279 31.60 -18.63 -15.22
CA TRP B 279 31.19 -17.63 -14.22
C TRP B 279 30.82 -16.25 -14.80
N SER B 280 31.61 -15.76 -15.73
CA SER B 280 31.33 -14.50 -16.41
C SER B 280 30.41 -14.74 -17.60
N ALA B 281 29.61 -13.72 -17.90
CA ALA B 281 28.76 -13.72 -19.07
C ALA B 281 29.44 -13.09 -20.27
N ARG B 282 30.77 -12.96 -20.23
CA ARG B 282 31.52 -12.31 -21.30
C ARG B 282 31.87 -13.35 -22.36
N GLY B 283 31.74 -12.98 -23.62
CA GLY B 283 32.18 -13.84 -24.70
C GLY B 283 31.27 -13.74 -25.90
N GLU B 284 31.39 -14.73 -26.77
CA GLU B 284 30.57 -14.85 -27.97
C GLU B 284 29.38 -15.73 -27.65
N GLY B 285 28.18 -15.15 -27.69
CA GLY B 285 26.96 -15.90 -27.45
C GLY B 285 26.75 -16.32 -26.01
N HIS B 286 27.64 -15.95 -25.10
CA HIS B 286 27.42 -16.24 -23.68
C HIS B 286 26.16 -15.57 -23.17
N GLN B 287 26.06 -14.25 -23.38
CA GLN B 287 24.86 -13.52 -22.98
C GLN B 287 23.61 -14.13 -23.58
N GLU B 288 23.67 -14.54 -24.84
CA GLU B 288 22.47 -14.98 -25.54
C GLU B 288 22.01 -16.35 -25.08
N LEU B 289 22.95 -17.31 -24.98
CA LEU B 289 22.61 -18.60 -24.40
C LEU B 289 22.08 -18.43 -22.99
N LEU B 290 22.72 -17.55 -22.21
CA LEU B 290 22.27 -17.26 -20.85
C LEU B 290 20.83 -16.78 -20.84
N HIS B 291 20.49 -15.85 -21.73
CA HIS B 291 19.16 -15.26 -21.70
C HIS B 291 18.10 -16.22 -22.20
N SER B 292 18.43 -17.03 -23.20
CA SER B 292 17.46 -18.05 -23.63
C SER B 292 17.18 -19.03 -22.51
N ARG B 293 18.24 -19.54 -21.87
CA ARG B 293 18.03 -20.43 -20.73
C ARG B 293 17.30 -19.73 -19.60
N LYS B 294 17.55 -18.43 -19.43
CA LYS B 294 16.89 -17.66 -18.38
C LYS B 294 15.39 -17.62 -18.61
N LYS B 295 14.98 -17.27 -19.82
CA LYS B 295 13.56 -17.23 -20.15
C LYS B 295 12.92 -18.61 -20.03
N LEU B 296 13.62 -19.65 -20.49
CA LEU B 296 13.03 -20.98 -20.41
C LEU B 296 12.87 -21.42 -18.96
N ILE B 297 13.86 -21.12 -18.11
CA ILE B 297 13.76 -21.50 -16.71
C ILE B 297 12.64 -20.73 -16.03
N GLN B 298 12.52 -19.43 -16.31
CA GLN B 298 11.43 -18.65 -15.76
C GLN B 298 10.08 -19.24 -16.15
N ASP B 299 9.93 -19.61 -17.41
CA ASP B 299 8.63 -20.08 -17.88
C ASP B 299 8.32 -21.47 -17.33
N ARG B 300 9.32 -22.34 -17.20
CA ARG B 300 9.08 -23.65 -16.64
C ARG B 300 8.73 -23.57 -15.16
N PHE B 301 9.42 -22.69 -14.43
CA PHE B 301 9.05 -22.41 -13.05
C PHE B 301 7.61 -21.95 -12.96
N LYS B 302 7.24 -20.96 -13.79
CA LYS B 302 5.87 -20.48 -13.81
C LYS B 302 4.89 -21.62 -14.00
N ASP B 303 5.12 -22.47 -15.00
CA ASP B 303 4.19 -23.56 -15.26
C ASP B 303 4.06 -24.49 -14.06
N ASP B 304 5.18 -25.07 -13.62
CA ASP B 304 5.05 -26.17 -12.66
C ASP B 304 4.80 -25.67 -11.24
N LEU B 305 5.63 -24.75 -10.76
CA LEU B 305 5.54 -24.34 -9.36
C LEU B 305 4.66 -23.12 -9.16
N ASN B 306 4.20 -22.47 -10.23
CA ASN B 306 3.28 -21.33 -10.13
C ASN B 306 3.89 -20.20 -9.31
N LEU B 307 5.09 -19.78 -9.68
CA LEU B 307 5.72 -18.68 -8.95
C LEU B 307 6.64 -17.89 -9.88
N LEU B 308 6.68 -16.59 -9.65
CA LEU B 308 7.49 -15.69 -10.45
C LEU B 308 8.95 -15.84 -10.04
N ILE B 309 9.85 -15.80 -11.01
CA ILE B 309 11.27 -15.98 -10.76
C ILE B 309 12.04 -14.88 -11.46
N ASP B 310 12.68 -14.02 -10.69
CA ASP B 310 13.60 -13.01 -11.20
C ASP B 310 12.92 -12.11 -12.23
N ILE B 311 11.82 -11.49 -11.83
CA ILE B 311 11.12 -10.50 -12.62
C ILE B 311 11.05 -9.22 -11.81
N VAL B 312 11.37 -8.10 -12.43
CA VAL B 312 11.46 -6.85 -11.69
C VAL B 312 10.08 -6.43 -11.21
N LYS B 313 10.06 -5.69 -10.10
CA LYS B 313 8.82 -5.20 -9.52
C LYS B 313 9.11 -3.88 -8.83
N GLN B 314 8.15 -2.97 -8.88
CA GLN B 314 8.32 -1.68 -8.22
C GLN B 314 8.51 -1.89 -6.72
N GLY B 315 9.15 -0.92 -6.08
CA GLY B 315 9.47 -1.10 -4.67
C GLY B 315 10.57 -2.10 -4.45
N SER B 316 10.20 -3.26 -3.89
CA SER B 316 11.16 -4.26 -3.42
C SER B 316 12.28 -4.56 -4.41
N GLY B 317 12.02 -4.45 -5.72
CA GLY B 317 13.00 -4.88 -6.69
C GLY B 317 12.51 -6.11 -7.42
N THR B 318 13.30 -7.18 -7.47
CA THR B 318 12.75 -8.41 -8.04
C THR B 318 11.60 -8.93 -7.19
N THR B 319 10.73 -9.69 -7.84
CA THR B 319 9.86 -10.61 -7.11
C THR B 319 10.60 -11.94 -6.89
N ASN B 320 11.74 -11.82 -6.22
CA ASN B 320 12.48 -12.95 -5.68
C ASN B 320 12.25 -12.84 -4.19
N ASP B 321 11.23 -13.53 -3.71
CA ASP B 321 10.65 -13.24 -2.42
C ASP B 321 11.18 -14.23 -1.39
N GLY B 322 10.86 -13.96 -0.13
CA GLY B 322 11.10 -14.94 0.89
C GLY B 322 10.33 -16.23 0.62
N ASN B 323 9.03 -16.11 0.38
CA ASN B 323 8.22 -17.28 0.11
C ASN B 323 8.64 -17.95 -1.19
N THR B 324 9.13 -17.18 -2.15
CA THR B 324 9.71 -17.79 -3.35
C THR B 324 10.92 -18.62 -2.99
N ALA B 325 11.72 -18.17 -2.01
CA ALA B 325 12.85 -18.98 -1.57
C ALA B 325 12.39 -20.23 -0.87
N ARG B 326 11.35 -20.12 -0.03
CA ARG B 326 10.79 -21.31 0.58
C ARG B 326 10.35 -22.33 -0.47
N ARG B 327 9.62 -21.87 -1.48
CA ARG B 327 9.07 -22.77 -2.48
C ARG B 327 10.11 -23.26 -3.47
N PHE B 328 11.20 -22.53 -3.65
CA PHE B 328 12.29 -23.03 -4.47
C PHE B 328 13.00 -24.19 -3.79
N PHE B 329 12.84 -24.33 -2.48
CA PHE B 329 13.50 -25.37 -1.72
C PHE B 329 12.54 -26.43 -1.20
N GLU B 330 11.23 -26.23 -1.35
CA GLU B 330 10.29 -27.11 -0.68
C GLU B 330 10.36 -28.53 -1.23
N PHE B 331 10.43 -28.68 -2.54
CA PHE B 331 10.54 -29.99 -3.16
C PHE B 331 11.80 -29.99 -4.03
N PRO B 332 12.91 -30.48 -3.50
CA PRO B 332 14.17 -30.42 -4.27
C PRO B 332 14.13 -31.25 -5.52
N ASP B 333 13.41 -32.37 -5.53
CA ASP B 333 13.30 -33.17 -6.74
C ASP B 333 12.65 -32.36 -7.87
N LYS B 334 11.55 -31.67 -7.56
CA LYS B 334 10.84 -30.91 -8.58
C LYS B 334 11.69 -29.75 -9.09
N THR B 335 12.27 -29.00 -8.16
CA THR B 335 13.09 -27.86 -8.54
C THR B 335 14.31 -28.30 -9.33
N ALA B 336 14.85 -29.48 -9.02
CA ALA B 336 15.97 -30.00 -9.79
C ALA B 336 15.53 -30.39 -11.19
N ALA B 337 14.37 -31.03 -11.30
CA ALA B 337 13.85 -31.36 -12.63
C ALA B 337 13.59 -30.12 -13.46
N ILE B 338 13.22 -29.01 -12.81
CA ILE B 338 12.96 -27.77 -13.56
C ILE B 338 14.27 -27.10 -13.96
N THR B 339 15.13 -26.81 -12.99
CA THR B 339 16.34 -26.07 -13.32
C THR B 339 17.37 -26.92 -14.04
N GLY B 340 17.44 -28.21 -13.73
CA GLY B 340 18.48 -29.05 -14.28
C GLY B 340 19.66 -29.26 -13.36
N LEU B 341 19.67 -28.62 -12.19
CA LEU B 341 20.74 -28.80 -11.22
C LEU B 341 20.71 -30.21 -10.66
N ASP B 342 21.68 -30.50 -9.81
CA ASP B 342 21.70 -31.78 -9.10
C ASP B 342 20.76 -31.73 -7.91
N GLU B 343 19.90 -32.73 -7.79
CA GLU B 343 18.90 -32.73 -6.72
C GLU B 343 19.55 -32.88 -5.36
N ASP B 344 20.66 -33.60 -5.27
CA ASP B 344 21.29 -33.80 -3.96
C ASP B 344 21.89 -32.50 -3.43
N LEU B 345 22.41 -31.66 -4.32
CA LEU B 345 22.95 -30.38 -3.86
C LEU B 345 21.85 -29.45 -3.36
N ILE B 346 20.75 -29.35 -4.11
CA ILE B 346 19.63 -28.53 -3.67
C ILE B 346 19.08 -29.06 -2.36
N ARG B 347 19.06 -30.39 -2.21
CA ARG B 347 18.57 -30.96 -0.96
C ARG B 347 19.49 -30.62 0.20
N ARG B 348 20.81 -30.68 -0.04
CA ARG B 348 21.75 -30.29 1.00
C ARG B 348 21.54 -28.84 1.42
N PHE B 349 21.30 -27.96 0.46
CA PHE B 349 21.11 -26.55 0.79
C PHE B 349 19.82 -26.34 1.56
N SER B 350 18.76 -27.03 1.17
CA SER B 350 17.50 -26.93 1.92
C SER B 350 17.69 -27.41 3.35
N VAL B 351 18.48 -28.48 3.54
CA VAL B 351 18.73 -28.99 4.88
C VAL B 351 19.50 -27.97 5.71
N ILE B 352 20.54 -27.38 5.12
CA ILE B 352 21.32 -26.39 5.86
C ILE B 352 20.45 -25.22 6.25
N LEU B 353 19.58 -24.77 5.35
CA LEU B 353 18.76 -23.60 5.64
C LEU B 353 17.70 -23.91 6.68
N GLN B 354 17.15 -25.13 6.66
CA GLN B 354 16.24 -25.52 7.73
C GLN B 354 16.96 -25.52 9.07
N ALA B 355 18.16 -26.09 9.12
CA ALA B 355 18.91 -26.11 10.38
C ALA B 355 19.16 -24.69 10.88
N ILE B 356 19.57 -23.79 9.98
CA ILE B 356 19.87 -22.42 10.40
C ILE B 356 18.59 -21.74 10.88
N THR B 357 17.62 -21.57 9.99
CA THR B 357 16.40 -20.83 10.29
C THR B 357 15.49 -21.55 11.27
N SER B 358 15.89 -22.72 11.76
CA SER B 358 15.00 -23.50 12.62
C SER B 358 14.67 -22.75 13.90
N GLY B 359 15.65 -22.05 14.46
CA GLY B 359 15.50 -21.52 15.79
C GLY B 359 15.76 -22.51 16.89
N GLU B 360 16.21 -23.72 16.56
CA GLU B 360 16.58 -24.71 17.55
C GLU B 360 18.09 -24.69 17.76
N ILE B 361 18.50 -25.25 18.90
CA ILE B 361 19.92 -25.33 19.22
C ILE B 361 20.62 -26.22 18.20
N ILE B 362 21.74 -25.74 17.67
CA ILE B 362 22.45 -26.43 16.61
C ILE B 362 23.77 -26.94 17.16
N ASP B 363 24.14 -28.15 16.77
CA ASP B 363 25.40 -28.73 17.22
C ASP B 363 26.50 -28.42 16.23
N VAL B 364 27.46 -27.62 16.67
CA VAL B 364 28.53 -27.09 15.83
C VAL B 364 29.36 -28.19 15.17
N PRO B 365 29.76 -29.26 15.88
CA PRO B 365 30.54 -30.31 15.18
C PRO B 365 29.79 -30.94 14.02
N LYS B 366 28.56 -31.39 14.23
CA LYS B 366 27.83 -32.02 13.14
C LYS B 366 27.49 -31.02 12.04
N PHE B 367 27.22 -29.76 12.41
CA PHE B 367 26.95 -28.76 11.39
C PHE B 367 28.20 -28.49 10.54
N LYS B 368 29.35 -28.36 11.17
CA LYS B 368 30.58 -28.12 10.41
C LYS B 368 30.89 -29.30 9.51
N GLU B 369 30.67 -30.52 10.00
CA GLU B 369 30.84 -31.70 9.15
C GLU B 369 29.92 -31.63 7.94
N TYR B 370 28.63 -31.36 8.18
CA TYR B 370 27.67 -31.24 7.09
C TYR B 370 28.10 -30.16 6.10
N ALA B 371 28.60 -29.04 6.61
CA ALA B 371 28.90 -27.91 5.75
C ALA B 371 30.13 -28.18 4.89
N ARG B 372 31.17 -28.80 5.46
CA ARG B 372 32.34 -29.07 4.64
C ARG B 372 32.06 -30.18 3.64
N THR B 373 31.24 -31.15 4.00
CA THR B 373 30.82 -32.14 3.01
C THR B 373 30.05 -31.47 1.89
N THR B 374 29.17 -30.53 2.23
CA THR B 374 28.38 -29.84 1.20
C THR B 374 29.27 -28.99 0.30
N ALA B 375 30.29 -28.34 0.87
CA ALA B 375 31.19 -27.54 0.05
C ALA B 375 31.99 -28.42 -0.89
N GLU B 376 32.47 -29.57 -0.41
CA GLU B 376 33.16 -30.51 -1.29
C GLU B 376 32.25 -30.94 -2.42
N LYS B 377 31.00 -31.27 -2.09
CA LYS B 377 30.03 -31.67 -3.11
C LYS B 377 29.81 -30.57 -4.13
N TYR B 378 29.72 -29.32 -3.65
CA TYR B 378 29.48 -28.19 -4.54
C TYR B 378 30.65 -28.00 -5.50
N VAL B 379 31.87 -27.94 -4.96
CA VAL B 379 33.03 -27.76 -5.82
C VAL B 379 33.15 -28.89 -6.83
N GLU B 380 32.85 -30.12 -6.41
CA GLU B 380 32.84 -31.22 -7.36
C GLU B 380 31.84 -30.98 -8.48
N LEU B 381 30.61 -30.65 -8.13
CA LEU B 381 29.54 -30.56 -9.13
C LEU B 381 29.72 -29.36 -10.04
N TYR B 382 29.74 -28.15 -9.48
CA TYR B 382 29.92 -26.91 -10.23
C TYR B 382 31.11 -26.16 -9.64
N ASP B 383 32.27 -26.31 -10.26
CA ASP B 383 33.48 -25.62 -9.82
C ASP B 383 33.72 -24.34 -10.59
N TRP B 384 33.19 -24.26 -11.81
CA TRP B 384 33.39 -23.07 -12.62
C TRP B 384 32.69 -21.86 -12.04
N TYR B 385 31.46 -22.02 -11.59
CA TYR B 385 30.72 -20.92 -10.99
C TYR B 385 31.18 -20.72 -9.56
N TYR B 386 31.91 -19.65 -9.31
CA TYR B 386 32.46 -19.41 -7.99
C TYR B 386 31.37 -19.04 -7.01
N MET B 387 31.41 -19.66 -5.83
CA MET B 387 30.40 -19.44 -4.80
C MET B 387 30.22 -17.96 -4.53
N SER B 388 28.97 -17.53 -4.44
CA SER B 388 28.70 -16.15 -4.06
C SER B 388 28.94 -15.94 -2.58
N SER B 389 29.15 -14.69 -2.20
CA SER B 389 29.57 -14.36 -0.83
C SER B 389 28.64 -14.98 0.21
N THR B 390 27.34 -15.05 -0.06
CA THR B 390 26.43 -15.57 0.95
C THR B 390 26.52 -17.08 1.07
N VAL B 391 26.54 -17.81 -0.04
CA VAL B 391 26.64 -19.25 0.08
C VAL B 391 28.00 -19.66 0.62
N HIS B 392 29.06 -18.91 0.30
CA HIS B 392 30.36 -19.19 0.88
C HIS B 392 30.37 -18.91 2.38
N LYS B 393 29.92 -17.72 2.77
CA LYS B 393 29.81 -17.41 4.20
C LYS B 393 28.94 -18.42 4.92
N LEU B 394 28.01 -19.03 4.21
CA LEU B 394 27.08 -19.97 4.83
C LEU B 394 27.75 -21.32 5.04
N LEU B 395 28.46 -21.81 4.03
CA LEU B 395 29.07 -23.13 4.15
C LEU B 395 30.33 -23.08 5.00
N ILE B 396 31.27 -22.21 4.64
CA ILE B 396 32.57 -22.23 5.30
C ILE B 396 32.45 -21.68 6.72
N HIS B 397 32.04 -20.42 6.84
CA HIS B 397 32.06 -19.73 8.11
C HIS B 397 30.80 -19.93 8.94
N GLY B 398 29.84 -20.72 8.46
CA GLY B 398 28.60 -20.89 9.19
C GLY B 398 28.79 -21.53 10.55
N GLY B 399 29.65 -22.54 10.62
CA GLY B 399 29.86 -23.22 11.88
C GLY B 399 30.40 -22.29 12.95
N ASP B 400 31.42 -21.52 12.61
CA ASP B 400 32.00 -20.61 13.60
C ASP B 400 31.00 -19.54 14.01
N ILE B 401 30.23 -19.03 13.05
CA ILE B 401 29.26 -18.00 13.37
C ILE B 401 28.21 -18.54 14.34
N ILE B 402 27.74 -19.77 14.09
CA ILE B 402 26.79 -20.39 15.01
C ILE B 402 27.42 -20.57 16.38
N ALA B 403 28.67 -21.01 16.41
CA ALA B 403 29.32 -21.29 17.68
C ALA B 403 29.46 -20.02 18.52
N GLU B 404 29.84 -18.92 17.91
CA GLU B 404 30.01 -17.68 18.69
C GLU B 404 28.70 -17.25 19.33
N ASN B 405 27.67 -17.03 18.52
CA ASN B 405 26.35 -16.66 19.05
C ASN B 405 25.60 -17.93 19.47
N ALA B 406 26.12 -18.56 20.52
CA ALA B 406 25.55 -19.79 21.02
C ALA B 406 24.56 -19.57 22.16
N ILE B 407 24.64 -18.43 22.84
CA ILE B 407 23.76 -18.15 23.97
C ILE B 407 22.30 -18.24 23.53
N VAL B 408 21.98 -17.73 22.35
CA VAL B 408 20.65 -17.90 21.78
C VAL B 408 20.83 -18.65 20.46
N PRO B 409 19.94 -19.57 20.12
CA PRO B 409 20.14 -20.36 18.90
C PRO B 409 20.03 -19.47 17.67
N ILE B 410 20.98 -19.60 16.75
CA ILE B 410 20.91 -18.81 15.55
C ILE B 410 19.64 -19.20 14.80
N GLY B 411 19.10 -18.26 14.04
CA GLY B 411 17.76 -18.37 13.56
C GLY B 411 16.77 -17.66 14.43
N SER B 412 17.04 -17.63 15.74
CA SER B 412 16.48 -16.58 16.59
C SER B 412 17.16 -15.25 16.33
N LEU B 413 18.36 -15.28 15.75
CA LEU B 413 19.03 -14.09 15.24
C LEU B 413 18.72 -14.02 13.75
N SER B 414 17.63 -13.36 13.42
CA SER B 414 17.22 -13.14 12.04
C SER B 414 16.91 -11.67 11.87
N GLU B 415 17.30 -11.12 10.73
CA GLU B 415 16.93 -9.74 10.47
C GLU B 415 15.46 -9.60 10.10
N GLU B 416 14.78 -10.72 9.88
CA GLU B 416 13.39 -10.67 9.44
C GLU B 416 12.57 -9.74 10.31
N ALA B 417 12.80 -9.76 11.61
CA ALA B 417 12.05 -8.89 12.52
C ALA B 417 12.03 -7.46 12.00
N SER B 418 13.21 -6.89 11.75
CA SER B 418 13.27 -5.52 11.27
C SER B 418 12.55 -5.38 9.94
N GLU B 419 12.74 -6.32 9.03
CA GLU B 419 12.03 -6.26 7.76
C GLU B 419 10.53 -6.22 7.99
N ALA B 420 10.03 -6.99 8.95
CA ALA B 420 8.61 -6.97 9.21
C ALA B 420 8.13 -5.58 9.59
N ARG B 421 8.94 -4.82 10.35
CA ARG B 421 8.49 -3.50 10.75
C ARG B 421 8.27 -2.59 9.56
N ASN B 422 8.95 -2.86 8.45
CA ASN B 422 8.64 -2.09 7.25
C ASN B 422 7.15 -2.19 6.94
N LYS B 423 6.64 -3.42 6.85
CA LYS B 423 5.20 -3.59 6.62
C LYS B 423 4.38 -2.96 7.73
N ASP B 424 4.95 -2.82 8.92
CA ASP B 424 4.24 -2.09 9.97
C ASP B 424 4.47 -0.59 9.85
N PHE B 425 5.68 -0.17 9.50
CA PHE B 425 5.97 1.27 9.47
C PHE B 425 5.03 1.99 8.54
N ARG B 426 4.91 1.51 7.30
CA ARG B 426 3.96 2.10 6.36
C ARG B 426 2.56 2.12 6.94
N ARG B 427 2.13 1.01 7.54
CA ARG B 427 0.77 0.97 8.07
C ARG B 427 0.59 1.94 9.22
N PHE B 428 1.69 2.42 9.80
CA PHE B 428 1.62 3.46 10.80
C PHE B 428 1.84 4.85 10.22
N ARG B 429 2.53 4.94 9.09
CA ARG B 429 2.76 6.25 8.49
C ARG B 429 1.56 6.68 7.69
N GLU B 430 0.87 5.74 7.06
CA GLU B 430 -0.26 6.06 6.21
C GLU B 430 -1.55 6.22 7.01
N HIS B 431 -1.84 5.29 7.90
CA HIS B 431 -3.15 5.26 8.54
C HIS B 431 -3.15 5.69 9.99
N HIS B 432 -2.00 5.86 10.62
CA HIS B 432 -2.01 6.16 12.05
C HIS B 432 -1.23 7.39 12.46
N SER B 433 -0.61 8.10 11.53
CA SER B 433 -0.04 9.38 11.91
C SER B 433 -1.09 10.46 11.80
N ARG B 434 -0.77 11.64 12.33
CA ARG B 434 -1.57 12.83 12.08
C ARG B 434 -0.78 13.72 11.13
N LYS B 435 -1.42 14.13 10.04
CA LYS B 435 -0.67 14.66 8.91
C LYS B 435 -0.49 16.17 8.97
N LYS B 436 -0.85 16.81 10.07
CA LYS B 436 -0.76 18.27 10.11
C LYS B 436 0.66 18.74 9.84
N SER B 437 1.60 18.33 10.68
CA SER B 437 2.99 18.72 10.51
C SER B 437 3.87 17.48 10.48
N ARG B 438 4.94 17.54 9.69
CA ARG B 438 5.86 16.41 9.61
C ARG B 438 6.35 16.00 10.98
N GLN B 439 6.68 16.98 11.83
CA GLN B 439 7.12 16.64 13.18
C GLN B 439 6.06 15.84 13.91
N ALA B 440 4.79 16.25 13.79
CA ALA B 440 3.73 15.50 14.45
C ALA B 440 3.61 14.10 13.86
N SER B 441 3.73 13.99 12.54
CA SER B 441 3.59 12.67 11.91
C SER B 441 4.68 11.73 12.39
N ASN B 442 5.92 12.21 12.47
CA ASN B 442 7.01 11.36 12.93
C ASN B 442 6.85 11.03 14.40
N GLU B 443 6.47 12.01 15.22
CA GLU B 443 6.27 11.77 16.63
C GLU B 443 5.22 10.69 16.87
N ASP B 444 4.14 10.70 16.08
CA ASP B 444 3.11 9.68 16.27
C ASP B 444 3.44 8.35 15.62
N ILE B 445 4.19 8.34 14.53
CA ILE B 445 4.71 7.07 14.05
C ILE B 445 5.56 6.40 15.11
N LEU B 446 6.39 7.19 15.80
CA LEU B 446 7.23 6.63 16.85
C LEU B 446 6.41 6.20 18.06
N ASN B 447 5.41 7.00 18.44
CA ASN B 447 4.51 6.58 19.52
C ASN B 447 3.85 5.26 19.18
N MET B 448 3.43 5.07 17.93
CA MET B 448 2.76 3.84 17.57
C MET B 448 3.73 2.66 17.57
N LEU B 449 4.95 2.87 17.10
CA LEU B 449 5.94 1.80 17.16
C LEU B 449 6.17 1.37 18.60
N ILE B 450 6.39 2.33 19.49
CA ILE B 450 6.58 2.02 20.91
C ILE B 450 5.40 1.22 21.44
N ILE B 451 4.19 1.74 21.27
CA ILE B 451 3.03 1.08 21.86
C ILE B 451 2.84 -0.31 21.28
N SER B 452 3.04 -0.45 19.98
CA SER B 452 2.82 -1.75 19.33
C SER B 452 3.80 -2.78 19.84
N SER B 453 5.05 -2.39 20.06
CA SER B 453 6.07 -3.33 20.48
C SER B 453 6.30 -3.33 21.98
N ASP B 454 5.31 -3.01 22.78
CA ASP B 454 5.52 -3.01 24.21
C ASP B 454 5.27 -4.41 24.76
N PRO B 455 6.21 -4.98 25.52
CA PRO B 455 6.04 -6.37 25.96
C PRO B 455 4.84 -6.60 26.83
N LEU B 456 4.52 -5.69 27.74
CA LEU B 456 3.35 -5.88 28.59
C LEU B 456 2.07 -5.89 27.77
N ILE B 457 1.99 -5.04 26.75
CA ILE B 457 0.79 -4.99 25.92
C ILE B 457 0.76 -6.15 24.95
N SER B 458 1.86 -6.36 24.21
CA SER B 458 1.91 -7.41 23.21
C SER B 458 1.84 -8.80 23.83
N PHE B 459 2.00 -8.92 25.15
CA PHE B 459 1.75 -10.17 25.83
C PHE B 459 0.25 -10.46 25.91
N THR B 460 -0.50 -9.55 26.53
CA THR B 460 -1.96 -9.65 26.59
C THR B 460 -2.59 -8.89 25.41
N ARG B 461 -2.42 -9.47 24.24
CA ARG B 461 -2.87 -8.88 23.00
C ARG B 461 -3.35 -10.05 22.13
N PRO B 462 -4.55 -9.98 21.59
CA PRO B 462 -5.03 -11.06 20.72
C PRO B 462 -4.13 -11.26 19.52
N LYS B 463 -4.06 -12.52 19.08
CA LYS B 463 -3.12 -12.94 18.05
C LYS B 463 -3.68 -14.20 17.41
N LEU B 464 -2.99 -14.67 16.36
CA LEU B 464 -3.41 -15.85 15.61
C LEU B 464 -2.48 -17.01 15.89
N ASP B 465 -2.97 -18.00 16.62
CA ASP B 465 -2.22 -19.23 16.90
C ASP B 465 -2.62 -20.30 15.89
N ALA B 466 -2.14 -20.15 14.66
CA ALA B 466 -2.47 -21.10 13.60
C ALA B 466 -1.25 -21.61 12.83
N HIS B 467 -0.05 -21.55 13.41
CA HIS B 467 1.18 -21.85 12.68
C HIS B 467 1.85 -23.14 13.15
N LYS B 468 1.07 -24.17 13.48
CA LYS B 468 1.60 -25.41 14.02
C LYS B 468 2.85 -25.87 13.28
N ARG B 469 3.82 -26.36 14.05
CA ARG B 469 5.18 -26.52 13.56
C ARG B 469 5.25 -27.56 12.45
N GLN B 470 6.15 -27.32 11.49
CA GLN B 470 6.30 -28.17 10.32
C GLN B 470 7.31 -29.28 10.58
N THR B 471 7.29 -30.28 9.70
CA THR B 471 8.12 -31.48 9.83
C THR B 471 9.44 -31.26 9.09
N TYR B 472 10.55 -31.41 9.82
CA TYR B 472 11.85 -31.18 9.22
C TYR B 472 12.21 -32.31 8.26
N PHE B 473 13.30 -32.10 7.53
CA PHE B 473 13.79 -33.15 6.65
C PHE B 473 14.48 -34.25 7.46
N LYS B 474 14.80 -35.34 6.77
CA LYS B 474 15.38 -36.50 7.44
C LYS B 474 16.77 -36.21 7.99
N GLU B 475 17.41 -35.13 7.57
CA GLU B 475 18.77 -34.82 7.99
C GLU B 475 18.86 -33.69 9.01
N THR B 476 17.98 -32.69 8.91
CA THR B 476 17.97 -31.64 9.92
C THR B 476 17.67 -32.20 11.30
N VAL B 477 16.86 -33.25 11.37
CA VAL B 477 16.53 -33.83 12.67
C VAL B 477 17.79 -34.39 13.32
N GLU B 478 18.78 -34.79 12.53
CA GLU B 478 20.06 -35.20 13.10
C GLU B 478 20.96 -34.00 13.32
N LEU B 479 20.88 -33.00 12.46
CA LEU B 479 21.75 -31.84 12.59
C LEU B 479 21.38 -31.02 13.83
N LEU B 480 20.10 -30.81 14.05
CA LEU B 480 19.64 -29.99 15.16
C LEU B 480 19.85 -30.74 16.48
N GLN B 481 19.55 -30.05 17.57
CA GLN B 481 19.60 -30.63 18.92
C GLN B 481 18.26 -30.33 19.60
N LEU B 482 17.41 -31.34 19.70
CA LEU B 482 16.08 -31.20 20.27
C LEU B 482 16.09 -31.65 21.72
N GLN B 483 15.47 -30.85 22.59
CA GLN B 483 15.22 -31.26 23.97
C GLN B 483 13.71 -31.18 24.20
N ASP B 484 13.08 -32.33 24.30
CA ASP B 484 11.64 -32.41 24.52
C ASP B 484 11.26 -33.78 25.08
MG MG I . -7.99 5.41 -17.29
MG MG J . -7.51 6.30 -13.14
ZN ZN K . -13.85 21.07 -29.69
MG MG L . 18.22 -4.02 3.69
MG MG M . 15.10 -4.68 3.91
ZN ZN N . 34.98 -16.48 3.87
#